data_5DD6
#
_entry.id   5DD6
#
_cell.length_a   54.557
_cell.length_b   66.128
_cell.length_c   73.346
_cell.angle_alpha   116.94
_cell.angle_beta   104.73
_cell.angle_gamma   92.90
#
_symmetry.space_group_name_H-M   'P 1'
#
loop_
_entity.id
_entity.type
_entity.pdbx_description
1 polymer 'ANTI-HIV ANTIBODY DH570.mut58 FAB HEAVY CHAIN'
2 polymer 'ANTI-HIV ANTIBODY DH570.mut58 FAB LIGHT CHAIN'
3 water water
#
loop_
_entity_poly.entity_id
_entity_poly.type
_entity_poly.pdbx_seq_one_letter_code
_entity_poly.pdbx_strand_id
1 'polypeptide(L)'
;QVQLQESGPGLVKPSETLSVTCAVSGVSFSSFWWGWIRQSPGKGLEWIGTIYGSSGRGEYNPSLKSRTTISRDTSKSQIS
LELTSVTAADTAIYYCSRGLFQPAGFTFTLTSYWFDVWGPGVPVTVSSASTKGPSVFPLAPSSRSTSESTAALGCLVKDY
FPEPVTVSWNSGSLTSGVHTFPAVLQSSGLYSLSSVVTVPSSSLGTQTYVCNVNHKPSNTKVDKRVEIKTCGG
;
H,A
2 'polypeptide(L)'
;DIQVTQSPSSLSASVGDTVTISCRTSQSISTWLAWYQVKPGKAPKLLIYTASSLASGVPSRFSGSGSGTDFTLTISSLQS
EDFATYYCQQYISLPPTFGLGTKVEIKRAVAAPSVFIFPPSEDQVKSGTVSVVCLLNNFYPREASVKWKVDGVLKTGNSQ
ESVTEQDSKDNTYSLSSTLTLSNTDYQSHNVYACEVTHQGLSSPVTKSFNRGEC
;
L,B
#
# COMPACT_ATOMS: atom_id res chain seq x y z
N GLN A 1 15.81 1.35 27.57
CA GLN A 1 16.84 2.15 28.21
C GLN A 1 16.60 3.65 28.03
N VAL A 2 16.59 4.11 26.78
CA VAL A 2 16.30 5.52 26.50
C VAL A 2 14.87 5.85 26.90
N GLN A 3 14.69 7.00 27.52
CA GLN A 3 13.35 7.48 27.86
C GLN A 3 13.20 8.92 27.38
N LEU A 4 12.13 9.21 26.65
CA LEU A 4 11.88 10.57 26.18
C LEU A 4 10.56 11.08 26.72
N GLN A 5 10.55 12.33 27.19
CA GLN A 5 9.32 12.97 27.65
C GLN A 5 9.23 14.42 27.19
N GLU A 6 8.18 14.71 26.43
CA GLU A 6 7.97 16.07 25.91
C GLU A 6 7.15 16.90 26.88
N SER A 7 7.34 18.21 26.85
CA SER A 7 6.47 19.12 27.59
C SER A 7 6.33 20.41 26.79
N GLY A 8 5.23 21.12 26.97
CA GLY A 8 4.98 22.30 26.17
C GLY A 8 3.81 23.11 26.68
N PRO A 9 3.47 24.20 25.98
CA PRO A 9 2.54 25.24 26.44
C PRO A 9 1.06 24.85 26.39
N GLY A 10 0.71 23.91 25.53
CA GLY A 10 -0.68 23.50 25.35
C GLY A 10 -1.42 24.35 24.33
N LEU A 11 -1.40 25.67 24.57
CA LEU A 11 -2.08 26.65 23.71
C LEU A 11 -1.12 27.77 23.34
N VAL A 12 -1.04 28.09 22.04
CA VAL A 12 -0.19 29.18 21.53
C VAL A 12 -1.05 30.11 20.68
N LYS A 13 -0.86 31.42 20.78
CA LYS A 13 -1.66 32.34 19.96
C LYS A 13 -1.01 32.49 18.59
N PRO A 14 -1.82 32.73 17.54
CA PRO A 14 -1.22 32.91 16.22
C PRO A 14 -0.24 34.08 16.20
N SER A 15 0.83 33.93 15.42
CA SER A 15 1.94 34.88 15.27
C SER A 15 2.96 34.78 16.41
N GLU A 16 2.62 34.09 17.50
CA GLU A 16 3.59 33.89 18.57
C GLU A 16 4.52 32.72 18.26
N THR A 17 5.39 32.42 19.22
CA THR A 17 6.35 31.36 19.08
C THR A 17 5.94 30.13 19.85
N LEU A 18 5.91 29.00 19.17
N LEU A 18 5.92 28.99 19.18
CA LEU A 18 5.63 27.74 19.82
CA LEU A 18 5.63 27.72 19.80
C LEU A 18 6.91 27.15 20.36
C LEU A 18 6.90 27.11 20.36
N SER A 19 6.90 26.81 21.65
CA SER A 19 8.07 26.25 22.30
C SER A 19 7.75 24.92 23.02
N VAL A 20 8.45 23.85 22.63
CA VAL A 20 8.30 22.59 23.34
C VAL A 20 9.68 22.03 23.70
N THR A 21 9.73 21.23 24.76
CA THR A 21 11.00 20.70 25.22
C THR A 21 10.90 19.19 25.41
N CYS A 22 12.04 18.52 25.37
CA CYS A 22 12.13 17.07 25.50
C CYS A 22 13.23 16.72 26.48
N ALA A 23 12.86 16.03 27.55
CA ALA A 23 13.83 15.51 28.50
C ALA A 23 14.31 14.13 28.07
N VAL A 24 15.62 14.02 27.86
CA VAL A 24 16.27 12.77 27.48
C VAL A 24 16.88 12.11 28.70
N SER A 25 16.47 10.88 29.03
CA SER A 25 17.10 10.19 30.14
C SER A 25 17.44 8.73 29.81
N GLY A 26 18.29 8.14 30.63
CA GLY A 26 18.64 6.75 30.47
C GLY A 26 19.92 6.49 29.70
N VAL A 27 20.26 7.41 28.81
CA VAL A 27 21.46 7.26 27.98
C VAL A 27 22.24 8.56 27.87
N SER A 28 23.42 8.46 27.26
CA SER A 28 24.29 9.60 27.01
C SER A 28 23.67 10.57 25.99
N PHE A 29 23.38 11.77 26.45
CA PHE A 29 22.83 12.83 25.62
C PHE A 29 23.70 13.16 24.42
N SER A 30 25.01 13.27 24.65
CA SER A 30 25.94 13.75 23.63
C SER A 30 26.27 12.71 22.56
N SER A 31 25.96 11.44 22.83
CA SER A 31 26.34 10.35 21.94
C SER A 31 25.38 10.13 20.77
N PHE A 32 24.21 10.75 20.82
CA PHE A 32 23.19 10.48 19.80
C PHE A 32 22.61 11.71 19.16
N TRP A 33 21.76 11.48 18.16
CA TRP A 33 21.06 12.56 17.46
C TRP A 33 19.62 12.59 17.91
N TRP A 34 19.13 13.80 18.20
CA TRP A 34 17.78 13.99 18.75
C TRP A 34 17.01 14.97 17.87
N GLY A 35 15.72 14.76 17.68
CA GLY A 35 15.00 15.70 16.85
C GLY A 35 13.50 15.67 17.10
N TRP A 36 12.77 16.32 16.20
CA TRP A 36 11.34 16.56 16.36
C TRP A 36 10.55 16.15 15.14
N ILE A 37 9.40 15.55 15.40
CA ILE A 37 8.46 15.13 14.36
C ILE A 37 7.06 15.55 14.81
N ARG A 38 6.19 15.98 13.90
CA ARG A 38 4.85 16.33 14.33
C ARG A 38 3.80 15.66 13.48
N GLN A 39 2.59 15.62 14.01
CA GLN A 39 1.44 15.10 13.26
C GLN A 39 0.24 15.98 13.51
N SER A 40 -0.22 16.66 12.46
CA SER A 40 -1.41 17.50 12.52
C SER A 40 -2.68 16.68 12.39
N PRO A 41 -3.76 17.13 13.05
CA PRO A 41 -5.03 16.41 12.94
C PRO A 41 -5.45 16.23 11.47
N GLY A 42 -5.61 14.98 11.06
CA GLY A 42 -6.03 14.67 9.70
C GLY A 42 -4.90 14.59 8.70
N LYS A 43 -3.71 15.02 9.10
CA LYS A 43 -2.55 14.98 8.20
C LYS A 43 -1.58 13.88 8.60
N GLY A 44 -0.56 13.65 7.79
CA GLY A 44 0.45 12.67 8.11
C GLY A 44 1.57 13.23 8.97
N LEU A 45 2.46 12.35 9.40
CA LEU A 45 3.64 12.71 10.17
C LEU A 45 4.59 13.54 9.30
N GLU A 46 5.24 14.50 9.93
CA GLU A 46 6.15 15.45 9.26
C GLU A 46 7.37 15.66 10.14
N TRP A 47 8.54 15.26 9.63
CA TRP A 47 9.81 15.48 10.31
C TRP A 47 10.15 16.95 10.29
N ILE A 48 10.58 17.48 11.43
CA ILE A 48 10.92 18.89 11.53
C ILE A 48 12.44 19.09 11.45
N GLY A 49 13.19 18.34 12.25
CA GLY A 49 14.64 18.41 12.14
C GLY A 49 15.28 17.58 13.21
N THR A 50 16.60 17.34 13.06
N THR A 50 16.58 17.37 13.05
CA THR A 50 17.34 16.47 13.97
CA THR A 50 17.35 16.53 13.94
C THR A 50 18.77 16.97 14.16
C THR A 50 18.68 17.19 14.20
N ILE A 51 19.20 17.09 15.41
CA ILE A 51 20.55 17.63 15.69
C ILE A 51 21.42 16.64 16.47
N TYR A 52 22.73 16.81 16.38
CA TYR A 52 23.65 15.94 17.11
C TYR A 52 23.79 16.43 18.54
N GLY A 53 23.71 15.53 19.53
CA GLY A 53 23.82 15.93 20.92
C GLY A 53 25.17 16.61 21.21
N SER A 54 26.21 16.13 20.55
CA SER A 54 27.56 16.60 20.81
C SER A 54 27.86 18.00 20.29
N SER A 55 27.29 18.35 19.14
CA SER A 55 27.69 19.60 18.48
C SER A 55 26.55 20.58 18.29
N GLY A 56 25.33 20.08 18.30
CA GLY A 56 24.17 20.91 18.02
C GLY A 56 23.97 21.22 16.55
N ARG A 57 24.81 20.68 15.68
CA ARG A 57 24.62 20.86 14.25
C ARG A 57 23.60 19.81 13.80
N GLY A 58 22.94 20.08 12.69
CA GLY A 58 21.94 19.11 12.27
C GLY A 58 21.33 19.45 10.94
N GLU A 59 20.21 18.80 10.65
CA GLU A 59 19.50 19.00 9.40
C GLU A 59 18.04 19.32 9.71
N TYR A 60 17.44 20.09 8.82
CA TYR A 60 16.09 20.61 9.00
C TYR A 60 15.25 20.38 7.76
N ASN A 61 13.97 20.16 7.98
CA ASN A 61 13.05 20.07 6.86
C ASN A 61 12.97 21.43 6.16
N PRO A 62 13.25 21.47 4.84
CA PRO A 62 13.13 22.70 4.06
C PRO A 62 11.79 23.42 4.25
N SER A 63 10.72 22.66 4.47
CA SER A 63 9.39 23.22 4.59
C SER A 63 9.22 24.09 5.84
N LEU A 64 10.10 23.89 6.82
CA LEU A 64 9.95 24.48 8.14
C LEU A 64 11.21 25.21 8.64
N LYS A 65 12.32 25.07 7.91
CA LYS A 65 13.63 25.54 8.38
C LYS A 65 13.59 27.03 8.73
N SER A 66 12.86 27.83 7.96
CA SER A 66 12.87 29.29 8.14
C SER A 66 12.25 29.74 9.46
N ARG A 67 11.48 28.86 10.08
CA ARG A 67 10.77 29.17 11.33
C ARG A 67 11.27 28.37 12.53
N THR A 68 12.24 27.49 12.29
CA THR A 68 12.63 26.47 13.26
C THR A 68 13.98 26.72 13.93
N THR A 69 14.03 26.52 15.25
CA THR A 69 15.31 26.46 15.97
C THR A 69 15.22 25.24 16.86
N ILE A 70 16.20 24.35 16.75
CA ILE A 70 16.33 23.21 17.66
C ILE A 70 17.65 23.36 18.43
N SER A 71 17.57 23.39 19.75
CA SER A 71 18.74 23.64 20.57
C SER A 71 18.82 22.64 21.73
N ARG A 72 19.97 22.65 22.40
CA ARG A 72 20.26 21.80 23.55
C ARG A 72 20.40 22.57 24.85
N ASP A 73 19.88 21.98 25.91
CA ASP A 73 20.19 22.44 27.28
C ASP A 73 20.95 21.29 27.98
N THR A 74 22.27 21.37 27.96
CA THR A 74 23.07 20.25 28.48
C THR A 74 23.02 20.11 29.99
N SER A 75 22.68 21.18 30.71
CA SER A 75 22.64 21.10 32.16
C SER A 75 21.48 20.20 32.60
N LYS A 76 20.48 20.09 31.73
CA LYS A 76 19.26 19.31 31.99
C LYS A 76 19.09 18.12 31.06
N SER A 77 20.01 17.92 30.11
CA SER A 77 19.85 16.88 29.08
C SER A 77 18.52 17.02 28.36
N GLN A 78 18.29 18.23 27.84
CA GLN A 78 17.05 18.53 27.13
C GLN A 78 17.31 19.05 25.73
N ILE A 79 16.40 18.76 24.81
CA ILE A 79 16.39 19.52 23.56
C ILE A 79 15.11 20.31 23.47
N SER A 80 15.17 21.43 22.76
CA SER A 80 14.01 22.27 22.64
C SER A 80 13.74 22.53 21.18
N LEU A 81 12.48 22.82 20.88
CA LEU A 81 12.06 23.28 19.57
C LEU A 81 11.37 24.62 19.71
N GLU A 82 11.81 25.58 18.90
N GLU A 82 11.76 25.58 18.89
CA GLU A 82 11.14 26.86 18.80
CA GLU A 82 11.09 26.87 18.86
C GLU A 82 10.62 26.95 17.39
C GLU A 82 10.63 27.18 17.45
N LEU A 83 9.32 27.20 17.26
CA LEU A 83 8.72 27.42 15.97
C LEU A 83 8.08 28.81 15.97
N THR A 84 8.59 29.71 15.13
CA THR A 84 8.11 31.09 15.15
C THR A 84 6.92 31.34 14.21
N SER A 85 6.21 32.44 14.47
CA SER A 85 5.12 32.94 13.64
C SER A 85 4.08 31.86 13.35
N VAL A 86 3.62 31.20 14.40
CA VAL A 86 2.70 30.08 14.18
C VAL A 86 1.31 30.51 13.70
N THR A 87 0.64 29.56 13.05
CA THR A 87 -0.74 29.75 12.65
C THR A 87 -1.50 28.50 13.06
N ALA A 88 -2.82 28.51 12.84
CA ALA A 88 -3.65 27.37 13.21
C ALA A 88 -3.15 26.06 12.62
N ALA A 89 -2.54 26.11 11.43
CA ALA A 89 -1.99 24.91 10.79
C ALA A 89 -0.86 24.23 11.58
N ASP A 90 -0.28 24.94 12.55
CA ASP A 90 0.78 24.35 13.37
C ASP A 90 0.23 23.55 14.56
N THR A 91 -1.10 23.50 14.68
CA THR A 91 -1.77 22.63 15.66
C THR A 91 -1.40 21.19 15.36
N ALA A 92 -0.88 20.48 16.35
CA ALA A 92 -0.31 19.15 16.08
C ALA A 92 0.14 18.48 17.37
N ILE A 93 0.36 17.18 17.30
CA ILE A 93 1.10 16.52 18.37
C ILE A 93 2.58 16.60 18.00
N TYR A 94 3.40 17.07 18.94
CA TYR A 94 4.85 17.22 18.73
C TYR A 94 5.61 16.12 19.43
N TYR A 95 6.36 15.34 18.67
CA TYR A 95 7.11 14.22 19.21
C TYR A 95 8.60 14.47 19.20
N CYS A 96 9.26 14.13 20.32
CA CYS A 96 10.72 14.05 20.42
C CYS A 96 11.15 12.66 19.92
N SER A 97 12.29 12.54 19.24
CA SER A 97 12.77 11.26 18.73
C SER A 97 14.29 11.14 18.72
N ARG A 98 14.80 9.93 18.80
CA ARG A 98 16.20 9.69 18.45
C ARG A 98 16.27 9.37 16.97
N GLY A 99 17.17 10.05 16.28
CA GLY A 99 17.37 9.84 14.86
C GLY A 99 18.60 8.99 14.65
N LEU A 100 18.44 7.90 13.89
CA LEU A 100 19.58 7.08 13.51
C LEU A 100 19.84 7.23 12.04
N PHE A 101 21.07 6.98 11.64
CA PHE A 101 21.42 6.94 10.23
C PHE A 101 22.55 5.94 10.07
N GLN A 102 22.81 5.56 8.83
CA GLN A 102 23.67 4.44 8.53
C GLN A 102 24.46 4.74 7.29
N PRO A 103 25.68 4.18 7.18
CA PRO A 103 26.40 4.18 5.90
C PRO A 103 25.60 3.43 4.84
N ALA A 104 25.53 3.99 3.63
CA ALA A 104 24.72 3.42 2.57
C ALA A 104 25.57 2.59 1.62
N THR A 109 28.57 8.07 1.38
CA THR A 109 27.13 8.35 1.41
C THR A 109 26.50 7.78 2.68
N LEU A 110 25.60 8.56 3.27
CA LEU A 110 24.82 8.13 4.42
C LEU A 110 23.34 8.10 4.06
N THR A 111 22.57 7.33 4.82
CA THR A 111 21.12 7.41 4.73
C THR A 111 20.68 8.68 5.44
N SER A 112 19.41 9.03 5.29
CA SER A 112 18.80 10.00 6.17
C SER A 112 18.30 9.26 7.43
N TYR A 113 17.41 9.88 8.19
CA TYR A 113 17.13 9.40 9.52
C TYR A 113 15.95 8.43 9.54
N TRP A 114 16.09 7.38 10.34
CA TRP A 114 14.92 6.68 10.83
C TRP A 114 14.93 6.84 12.35
N PHE A 115 13.84 6.46 13.01
CA PHE A 115 13.61 6.94 14.36
C PHE A 115 13.33 5.82 15.34
N ASP A 116 14.34 5.45 16.13
CA ASP A 116 14.20 4.17 16.85
C ASP A 116 13.57 4.30 18.23
N VAL A 117 13.49 5.53 18.74
CA VAL A 117 12.78 5.79 19.98
C VAL A 117 12.00 7.09 19.85
N TRP A 118 10.75 7.10 20.33
CA TRP A 118 9.90 8.28 20.27
C TRP A 118 9.35 8.59 21.65
N GLY A 119 9.13 9.87 21.94
CA GLY A 119 8.38 10.25 23.11
C GLY A 119 6.88 9.98 22.91
N PRO A 120 6.09 10.09 23.98
CA PRO A 120 4.62 9.95 23.89
C PRO A 120 3.93 11.08 23.11
N GLY A 121 4.58 12.23 22.99
CA GLY A 121 4.02 13.32 22.21
C GLY A 121 3.35 14.35 23.12
N VAL A 122 3.44 15.62 22.74
CA VAL A 122 2.70 16.66 23.45
C VAL A 122 1.78 17.39 22.45
N PRO A 123 0.47 17.40 22.74
CA PRO A 123 -0.46 18.13 21.86
C PRO A 123 -0.33 19.65 22.06
N VAL A 124 -0.24 20.39 20.96
CA VAL A 124 -0.25 21.84 21.03
C VAL A 124 -1.29 22.41 20.07
N THR A 125 -2.13 23.31 20.60
CA THR A 125 -3.18 23.95 19.81
C THR A 125 -2.80 25.38 19.55
N VAL A 126 -2.91 25.83 18.30
CA VAL A 126 -2.68 27.24 17.99
C VAL A 126 -4.02 27.87 17.61
N SER A 127 -4.43 28.87 18.37
CA SER A 127 -5.75 29.46 18.17
C SER A 127 -5.82 30.83 18.83
N SER A 128 -6.57 31.74 18.22
CA SER A 128 -6.78 33.05 18.83
C SER A 128 -8.06 33.09 19.67
N ALA A 129 -8.73 31.94 19.82
CA ALA A 129 -9.98 31.90 20.58
C ALA A 129 -9.75 32.14 22.07
N SER A 130 -10.71 32.82 22.70
CA SER A 130 -10.67 33.01 24.15
C SER A 130 -11.50 31.93 24.85
N THR A 131 -11.16 31.68 26.11
CA THR A 131 -11.83 30.64 26.91
C THR A 131 -13.33 30.91 27.01
N LYS A 132 -14.14 29.87 26.75
CA LYS A 132 -15.58 30.03 26.77
C LYS A 132 -16.24 28.72 27.18
N GLY A 133 -17.20 28.78 28.10
CA GLY A 133 -17.90 27.59 28.53
C GLY A 133 -18.99 27.20 27.56
N PRO A 134 -19.36 25.92 27.56
CA PRO A 134 -20.32 25.41 26.57
C PRO A 134 -21.78 25.74 26.84
N SER A 135 -22.58 25.82 25.79
CA SER A 135 -24.03 25.78 25.93
C SER A 135 -24.40 24.32 25.81
N VAL A 136 -25.35 23.87 26.62
CA VAL A 136 -25.77 22.47 26.61
C VAL A 136 -27.25 22.35 26.23
N PHE A 137 -27.54 21.52 25.23
CA PHE A 137 -28.92 21.38 24.76
C PHE A 137 -29.29 19.91 24.74
N PRO A 138 -30.48 19.59 25.24
CA PRO A 138 -30.95 18.19 25.27
C PRO A 138 -31.27 17.65 23.87
N LEU A 139 -30.87 16.41 23.62
CA LEU A 139 -31.28 15.68 22.42
C LEU A 139 -32.35 14.66 22.78
N ALA A 140 -33.56 14.90 22.29
CA ALA A 140 -34.70 14.06 22.65
C ALA A 140 -35.52 13.65 21.42
N PRO A 141 -36.14 12.44 21.46
CA PRO A 141 -36.86 11.87 20.31
C PRO A 141 -37.85 12.84 19.65
N GLU A 148 -40.69 1.10 18.92
CA GLU A 148 -39.31 0.61 19.07
C GLU A 148 -38.98 0.32 20.53
N SER A 149 -38.16 -0.69 20.74
CA SER A 149 -37.79 -1.15 22.08
C SER A 149 -36.86 -0.17 22.78
N THR A 150 -35.87 0.31 22.04
CA THR A 150 -34.87 1.22 22.60
C THR A 150 -35.03 2.65 22.08
N ALA A 151 -34.73 3.60 22.94
CA ALA A 151 -34.73 4.99 22.54
C ALA A 151 -33.35 5.58 22.76
N ALA A 152 -33.02 6.60 21.99
CA ALA A 152 -31.76 7.30 22.20
C ALA A 152 -32.03 8.66 22.79
N LEU A 153 -31.15 9.07 23.70
CA LEU A 153 -31.22 10.39 24.30
C LEU A 153 -29.82 10.96 24.25
N GLY A 154 -29.69 12.27 24.36
CA GLY A 154 -28.35 12.83 24.34
C GLY A 154 -28.29 14.26 24.76
N CYS A 155 -27.07 14.79 24.76
CA CYS A 155 -26.80 16.18 25.04
C CYS A 155 -25.85 16.71 23.99
N LEU A 156 -26.20 17.87 23.44
CA LEU A 156 -25.31 18.59 22.55
C LEU A 156 -24.55 19.64 23.35
N VAL A 157 -23.23 19.53 23.33
CA VAL A 157 -22.33 20.43 24.08
C VAL A 157 -21.59 21.30 23.07
N LYS A 158 -21.98 22.57 22.95
CA LYS A 158 -21.41 23.30 21.83
C LYS A 158 -20.85 24.66 22.19
N ASP A 159 -19.96 25.13 21.31
CA ASP A 159 -19.37 26.46 21.36
C ASP A 159 -18.51 26.64 22.60
N TYR A 160 -17.57 25.72 22.83
CA TYR A 160 -16.67 25.90 23.97
C TYR A 160 -15.22 25.95 23.51
N PHE A 161 -14.36 26.47 24.39
CA PHE A 161 -12.92 26.54 24.14
C PHE A 161 -12.22 26.76 25.47
N PRO A 162 -11.08 26.09 25.68
CA PRO A 162 -10.50 25.05 24.81
C PRO A 162 -11.09 23.68 25.10
N GLU A 163 -10.57 22.65 24.45
CA GLU A 163 -10.88 21.28 24.87
C GLU A 163 -10.17 21.03 26.21
N PRO A 164 -10.65 20.07 27.00
CA PRO A 164 -11.79 19.17 26.79
C PRO A 164 -12.99 19.49 27.67
N VAL A 165 -14.12 18.86 27.34
CA VAL A 165 -15.25 18.79 28.24
C VAL A 165 -15.43 17.34 28.63
N THR A 166 -15.91 17.11 29.86
CA THR A 166 -16.26 15.76 30.27
C THR A 166 -17.76 15.64 30.38
N VAL A 167 -18.29 14.50 29.95
CA VAL A 167 -19.73 14.29 30.02
C VAL A 167 -20.02 12.99 30.76
N SER A 168 -20.92 13.06 31.74
CA SER A 168 -21.40 11.86 32.40
C SER A 168 -22.92 11.84 32.35
N TRP A 169 -23.50 10.70 32.66
CA TRP A 169 -24.95 10.59 32.71
C TRP A 169 -25.38 10.14 34.09
N ASN A 170 -26.36 10.85 34.66
CA ASN A 170 -26.87 10.57 36.00
C ASN A 170 -25.77 10.49 37.04
N SER A 171 -24.85 11.46 36.99
CA SER A 171 -23.73 11.59 37.93
C SER A 171 -22.84 10.35 37.94
N GLY A 172 -22.72 9.70 36.79
CA GLY A 172 -21.87 8.53 36.66
C GLY A 172 -22.60 7.22 36.89
N SER A 173 -23.88 7.30 37.25
CA SER A 173 -24.68 6.10 37.54
C SER A 173 -25.25 5.45 36.29
N LEU A 174 -24.97 6.03 35.13
CA LEU A 174 -25.36 5.46 33.85
C LEU A 174 -24.16 5.46 32.92
N THR A 175 -23.66 4.27 32.60
CA THR A 175 -22.41 4.13 31.86
C THR A 175 -22.56 3.25 30.62
N SER A 176 -23.36 2.20 30.73
CA SER A 176 -23.58 1.31 29.61
C SER A 176 -24.41 1.98 28.52
N GLY A 177 -23.99 1.82 27.28
CA GLY A 177 -24.69 2.41 26.15
C GLY A 177 -24.35 3.87 25.88
N VAL A 178 -23.45 4.44 26.67
CA VAL A 178 -23.06 5.83 26.49
C VAL A 178 -21.97 5.96 25.42
N HIS A 179 -22.18 6.86 24.47
CA HIS A 179 -21.16 7.24 23.51
C HIS A 179 -20.94 8.74 23.52
N THR A 180 -19.71 9.15 23.75
CA THR A 180 -19.38 10.55 23.67
C THR A 180 -18.47 10.73 22.46
N PHE A 181 -18.92 11.51 21.49
CA PHE A 181 -18.20 11.68 20.25
C PHE A 181 -17.00 12.60 20.39
N PRO A 182 -16.00 12.43 19.50
CA PRO A 182 -14.88 13.38 19.45
C PRO A 182 -15.38 14.79 19.19
N ALA A 183 -14.70 15.78 19.77
CA ALA A 183 -15.07 17.15 19.49
C ALA A 183 -14.66 17.57 18.07
N VAL A 184 -15.46 18.44 17.47
N VAL A 184 -15.44 18.48 17.50
CA VAL A 184 -15.10 19.01 16.18
CA VAL A 184 -15.18 19.03 16.17
C VAL A 184 -14.89 20.50 16.32
C VAL A 184 -14.97 20.54 16.22
N LEU A 185 -13.90 21.01 15.60
CA LEU A 185 -13.64 22.44 15.56
C LEU A 185 -14.53 23.11 14.52
N GLN A 186 -15.39 24.01 14.97
CA GLN A 186 -16.28 24.77 14.10
C GLN A 186 -15.56 25.93 13.42
N SER A 187 -16.19 26.50 12.39
CA SER A 187 -15.61 27.61 11.66
C SER A 187 -15.46 28.85 12.55
N SER A 188 -16.23 28.86 13.63
CA SER A 188 -16.19 29.94 14.62
C SER A 188 -14.92 29.93 15.47
N GLY A 189 -14.19 28.81 15.45
CA GLY A 189 -13.04 28.62 16.31
C GLY A 189 -13.37 27.91 17.61
N LEU A 190 -14.64 27.58 17.81
CA LEU A 190 -15.10 26.91 19.03
C LEU A 190 -15.37 25.45 18.74
N TYR A 191 -15.31 24.62 19.78
CA TYR A 191 -15.59 23.17 19.64
C TYR A 191 -17.02 22.81 19.96
N SER A 192 -17.45 21.66 19.43
CA SER A 192 -18.77 21.10 19.70
C SER A 192 -18.68 19.58 19.72
N LEU A 193 -19.47 18.95 20.57
CA LEU A 193 -19.61 17.49 20.53
C LEU A 193 -20.99 17.10 21.03
N SER A 194 -21.39 15.85 20.78
N SER A 194 -21.38 15.85 20.81
CA SER A 194 -22.57 15.28 21.43
CA SER A 194 -22.57 15.31 21.47
C SER A 194 -22.20 14.06 22.27
C SER A 194 -22.21 14.06 22.26
N SER A 195 -22.96 13.83 23.34
CA SER A 195 -22.91 12.57 24.05
C SER A 195 -24.30 11.93 23.95
N VAL A 196 -24.36 10.63 23.70
CA VAL A 196 -25.66 9.97 23.59
C VAL A 196 -25.72 8.70 24.41
N VAL A 197 -26.93 8.28 24.75
CA VAL A 197 -27.12 7.04 25.49
C VAL A 197 -28.38 6.36 24.95
N THR A 198 -28.37 5.04 24.90
CA THR A 198 -29.57 4.29 24.52
C THR A 198 -30.22 3.71 25.78
N VAL A 199 -31.55 3.84 25.88
CA VAL A 199 -32.31 3.43 27.05
C VAL A 199 -33.61 2.73 26.61
N PRO A 200 -34.26 1.98 27.50
CA PRO A 200 -35.55 1.36 27.10
C PRO A 200 -36.65 2.39 26.84
N SER A 201 -37.37 2.26 25.73
CA SER A 201 -38.50 3.14 25.41
C SER A 201 -39.53 3.22 26.54
N SER A 202 -39.65 2.15 27.31
CA SER A 202 -40.64 2.04 28.37
C SER A 202 -40.23 2.79 29.64
N SER A 203 -38.95 3.11 29.77
CA SER A 203 -38.44 3.78 30.96
C SER A 203 -38.58 5.30 30.83
N LEU A 204 -38.87 5.75 29.62
CA LEU A 204 -39.12 7.17 29.37
C LEU A 204 -40.43 7.59 30.04
N GLY A 205 -40.45 8.79 30.60
CA GLY A 205 -41.67 9.26 31.25
C GLY A 205 -41.84 8.81 32.69
N THR A 206 -41.25 7.67 33.06
CA THR A 206 -41.23 7.25 34.46
C THR A 206 -39.82 7.36 35.07
N GLN A 207 -38.82 7.61 34.23
CA GLN A 207 -37.46 7.77 34.74
C GLN A 207 -36.75 8.97 34.12
N THR A 208 -36.00 9.67 34.96
CA THR A 208 -35.31 10.88 34.55
C THR A 208 -33.89 10.61 34.07
N TYR A 209 -33.49 11.33 33.02
CA TYR A 209 -32.13 11.23 32.50
C TYR A 209 -31.48 12.59 32.47
N VAL A 210 -30.33 12.69 33.13
CA VAL A 210 -29.63 13.98 33.25
C VAL A 210 -28.18 13.85 32.77
N CYS A 211 -27.77 14.75 31.88
CA CYS A 211 -26.38 14.75 31.47
C CYS A 211 -25.59 15.80 32.26
N ASN A 212 -24.47 15.37 32.82
CA ASN A 212 -23.62 16.26 33.62
C ASN A 212 -22.41 16.67 32.82
N VAL A 213 -22.29 17.95 32.53
CA VAL A 213 -21.20 18.43 31.70
C VAL A 213 -20.23 19.24 32.54
N ASN A 214 -18.94 18.96 32.37
CA ASN A 214 -17.92 19.71 33.08
C ASN A 214 -16.91 20.29 32.11
N HIS A 215 -16.69 21.60 32.19
CA HIS A 215 -15.66 22.25 31.38
C HIS A 215 -14.72 22.97 32.34
N LYS A 216 -13.65 22.29 32.75
CA LYS A 216 -12.82 22.87 33.81
C LYS A 216 -12.08 24.16 33.43
N PRO A 217 -11.59 24.29 32.18
CA PRO A 217 -10.98 25.58 31.84
C PRO A 217 -11.85 26.81 32.11
N SER A 218 -13.16 26.68 32.04
CA SER A 218 -14.05 27.81 32.31
C SER A 218 -14.77 27.65 33.66
N ASN A 219 -14.44 26.59 34.38
CA ASN A 219 -15.04 26.29 35.67
C ASN A 219 -16.57 26.23 35.62
N THR A 220 -17.11 25.65 34.57
CA THR A 220 -18.56 25.54 34.43
C THR A 220 -19.03 24.09 34.52
N LYS A 221 -20.08 23.88 35.31
CA LYS A 221 -20.75 22.59 35.38
C LYS A 221 -22.22 22.80 35.04
N VAL A 222 -22.72 22.04 34.09
CA VAL A 222 -24.11 22.11 33.70
C VAL A 222 -24.73 20.74 33.88
N ASP A 223 -25.92 20.69 34.49
CA ASP A 223 -26.68 19.46 34.56
C ASP A 223 -27.97 19.63 33.78
N LYS A 224 -28.12 18.89 32.70
CA LYS A 224 -29.27 19.05 31.81
C LYS A 224 -30.19 17.84 31.85
N ARG A 225 -31.45 18.07 32.25
CA ARG A 225 -32.45 17.01 32.20
C ARG A 225 -32.91 16.78 30.76
N VAL A 226 -32.86 15.53 30.31
CA VAL A 226 -33.26 15.21 28.95
C VAL A 226 -34.55 14.42 28.99
N GLU A 227 -35.61 15.00 28.43
CA GLU A 227 -36.92 14.37 28.44
C GLU A 227 -37.63 14.60 27.11
N ILE A 228 -38.72 13.89 26.89
CA ILE A 228 -39.48 14.03 25.67
C ILE A 228 -40.42 15.22 25.71
N LYS A 229 -40.26 16.12 24.75
CA LYS A 229 -41.13 17.28 24.60
C LYS A 229 -42.50 16.89 24.04
N ASP B 1 9.97 16.54 -2.39
CA ASP B 1 10.10 15.44 -1.46
C ASP B 1 9.65 14.13 -2.11
N ILE B 2 10.13 13.02 -1.59
CA ILE B 2 9.66 11.72 -2.05
C ILE B 2 8.29 11.44 -1.47
N GLN B 3 7.35 11.06 -2.35
CA GLN B 3 6.00 10.73 -1.91
C GLN B 3 5.92 9.26 -1.57
N VAL B 4 5.32 8.99 -0.42
CA VAL B 4 5.20 7.65 0.12
C VAL B 4 3.71 7.31 0.27
N THR B 5 3.27 6.24 -0.38
CA THR B 5 1.84 5.92 -0.49
C THR B 5 1.52 4.54 0.08
N GLN B 6 0.65 4.51 1.09
CA GLN B 6 0.26 3.27 1.73
C GLN B 6 -1.11 2.79 1.29
N SER B 7 -1.25 1.48 1.18
CA SER B 7 -2.56 0.89 0.89
C SER B 7 -2.71 -0.46 1.60
N PRO B 8 -3.94 -0.83 1.97
CA PRO B 8 -5.12 0.04 1.95
C PRO B 8 -5.07 1.07 3.09
N SER B 9 -6.03 1.99 3.12
CA SER B 9 -6.09 2.98 4.20
C SER B 9 -6.50 2.31 5.51
N SER B 10 -7.28 1.24 5.40
CA SER B 10 -7.65 0.47 6.58
C SER B 10 -7.97 -0.95 6.18
N LEU B 11 -7.82 -1.86 7.14
CA LEU B 11 -8.29 -3.21 6.92
C LEU B 11 -8.77 -3.83 8.22
N SER B 12 -9.64 -4.83 8.09
CA SER B 12 -10.19 -5.52 9.23
C SER B 12 -9.62 -6.94 9.28
N ALA B 13 -9.22 -7.36 10.47
CA ALA B 13 -8.66 -8.70 10.64
C ALA B 13 -9.04 -9.27 11.97
N SER B 14 -8.83 -10.58 12.11
CA SER B 14 -9.12 -11.28 13.37
C SER B 14 -7.83 -11.80 13.94
N VAL B 15 -7.79 -11.99 15.26
CA VAL B 15 -6.64 -12.65 15.89
C VAL B 15 -6.37 -13.98 15.21
N GLY B 16 -5.11 -14.23 14.88
CA GLY B 16 -4.72 -15.46 14.20
C GLY B 16 -4.55 -15.31 12.69
N ASP B 17 -5.08 -14.22 12.12
CA ASP B 17 -4.96 -13.96 10.69
C ASP B 17 -3.56 -13.56 10.29
N THR B 18 -3.24 -13.77 9.02
CA THR B 18 -2.04 -13.16 8.45
C THR B 18 -2.44 -11.95 7.63
N VAL B 19 -1.87 -10.79 7.95
CA VAL B 19 -2.22 -9.55 7.28
C VAL B 19 -0.99 -8.96 6.59
N THR B 20 -1.21 -8.37 5.41
CA THR B 20 -0.16 -7.68 4.70
C THR B 20 -0.59 -6.27 4.31
N ILE B 21 0.31 -5.32 4.43
CA ILE B 21 0.01 -3.96 4.02
C ILE B 21 1.15 -3.48 3.15
N SER B 22 0.87 -2.56 2.23
CA SER B 22 1.86 -2.24 1.22
C SER B 22 2.24 -0.77 1.28
N CYS B 23 3.40 -0.48 0.72
CA CYS B 23 3.97 0.86 0.71
C CYS B 23 4.59 1.06 -0.68
N ARG B 24 4.28 2.19 -1.31
CA ARG B 24 4.80 2.48 -2.65
C ARG B 24 5.38 3.89 -2.64
N THR B 25 6.55 4.04 -3.25
CA THR B 25 7.24 5.34 -3.25
C THR B 25 7.29 5.96 -4.64
N SER B 26 7.37 7.28 -4.70
CA SER B 26 7.28 8.00 -5.97
C SER B 26 8.58 7.90 -6.78
N GLN B 27 9.64 7.44 -6.12
CA GLN B 27 10.90 7.14 -6.79
C GLN B 27 11.63 6.09 -5.97
N SER B 28 12.65 5.47 -6.55
CA SER B 28 13.37 4.39 -5.89
C SER B 28 14.00 4.85 -4.58
N ILE B 29 13.84 4.03 -3.53
CA ILE B 29 14.45 4.35 -2.26
C ILE B 29 15.38 3.22 -1.81
N SER B 30 15.75 2.36 -2.77
CA SER B 30 16.63 1.23 -2.47
C SER B 30 15.97 0.37 -1.39
N THR B 31 16.67 0.12 -0.29
CA THR B 31 16.04 -0.61 0.81
C THR B 31 15.85 0.26 2.05
N TRP B 32 15.85 1.57 1.89
CA TRP B 32 15.77 2.46 3.06
C TRP B 32 14.34 2.79 3.47
N LEU B 33 13.65 1.79 4.01
CA LEU B 33 12.29 1.97 4.50
C LEU B 33 12.17 1.50 5.94
N ALA B 34 11.42 2.25 6.74
CA ALA B 34 11.15 1.83 8.11
C ALA B 34 9.64 1.71 8.30
N TRP B 35 9.24 0.87 9.24
CA TRP B 35 7.83 0.73 9.59
C TRP B 35 7.63 1.03 11.07
N TYR B 36 6.55 1.75 11.38
CA TYR B 36 6.16 2.10 12.74
C TYR B 36 4.74 1.66 13.10
N GLN B 37 4.55 1.35 14.38
CA GLN B 37 3.23 1.07 14.96
C GLN B 37 2.82 2.20 15.89
N VAL B 38 1.63 2.74 15.71
CA VAL B 38 1.12 3.78 16.59
C VAL B 38 -0.25 3.44 17.14
N LYS B 39 -0.37 3.44 18.46
CA LYS B 39 -1.66 3.33 19.12
C LYS B 39 -2.10 4.69 19.62
N PRO B 40 -3.43 4.94 19.67
CA PRO B 40 -3.93 6.28 20.00
C PRO B 40 -3.35 6.84 21.30
N GLY B 41 -2.71 8.00 21.21
CA GLY B 41 -2.19 8.69 22.38
C GLY B 41 -0.89 8.12 22.92
N LYS B 42 -0.30 7.17 22.19
CA LYS B 42 0.92 6.50 22.66
C LYS B 42 2.13 6.82 21.81
N ALA B 43 3.32 6.55 22.35
CA ALA B 43 4.56 6.74 21.59
C ALA B 43 4.58 5.77 20.41
N PRO B 44 4.87 6.28 19.21
CA PRO B 44 5.16 5.38 18.08
C PRO B 44 6.29 4.44 18.39
N LYS B 45 6.20 3.23 17.83
CA LYS B 45 7.23 2.21 17.99
C LYS B 45 7.82 1.78 16.66
N LEU B 46 9.14 1.80 16.56
CA LEU B 46 9.84 1.25 15.40
C LEU B 46 9.67 -0.27 15.36
N LEU B 47 9.23 -0.79 14.21
CA LEU B 47 9.11 -2.24 14.02
C LEU B 47 10.19 -2.84 13.14
N ILE B 48 10.38 -2.21 11.98
CA ILE B 48 11.27 -2.72 10.95
C ILE B 48 12.10 -1.56 10.40
N TYR B 49 13.37 -1.80 10.10
CA TYR B 49 14.15 -0.82 9.36
C TYR B 49 14.94 -1.55 8.27
N THR B 50 15.51 -0.77 7.33
CA THR B 50 16.22 -1.32 6.17
C THR B 50 15.32 -2.31 5.43
N ALA B 51 14.03 -1.97 5.40
CA ALA B 51 12.97 -2.72 4.71
C ALA B 51 12.65 -4.09 5.34
N SER B 52 13.63 -4.78 5.93
CA SER B 52 13.38 -6.13 6.42
C SER B 52 14.02 -6.52 7.76
N SER B 53 14.74 -5.59 8.39
CA SER B 53 15.41 -5.87 9.66
C SER B 53 14.51 -5.56 10.86
N LEU B 54 14.37 -6.52 11.77
CA LEU B 54 13.51 -6.33 12.94
C LEU B 54 14.19 -5.49 14.02
N ALA B 55 13.45 -4.51 14.54
CA ALA B 55 13.97 -3.65 15.61
C ALA B 55 14.02 -4.42 16.93
N SER B 56 14.82 -3.93 17.87
CA SER B 56 15.00 -4.58 19.16
C SER B 56 13.69 -4.69 19.95
N GLY B 57 13.41 -5.88 20.46
CA GLY B 57 12.22 -6.12 21.26
C GLY B 57 10.97 -6.46 20.47
N VAL B 58 11.02 -6.27 19.17
CA VAL B 58 9.88 -6.48 18.30
C VAL B 58 9.65 -7.97 18.05
N PRO B 59 8.41 -8.46 18.26
CA PRO B 59 8.06 -9.87 18.04
C PRO B 59 8.34 -10.34 16.63
N SER B 60 8.78 -11.60 16.49
CA SER B 60 9.18 -12.14 15.19
C SER B 60 8.00 -12.37 14.24
N ARG B 61 6.77 -12.16 14.70
CA ARG B 61 5.64 -12.28 13.79
C ARG B 61 5.58 -11.09 12.82
N PHE B 62 6.34 -10.03 13.12
CA PHE B 62 6.46 -8.93 12.18
C PHE B 62 7.59 -9.19 11.18
N SER B 63 7.31 -8.99 9.90
CA SER B 63 8.36 -9.08 8.88
C SER B 63 8.13 -8.09 7.74
N GLY B 64 9.21 -7.68 7.08
CA GLY B 64 9.11 -6.71 6.00
C GLY B 64 9.85 -7.20 4.78
N SER B 65 9.42 -6.77 3.61
CA SER B 65 10.10 -7.13 2.37
C SER B 65 9.98 -6.01 1.32
N GLY B 66 10.72 -6.15 0.23
CA GLY B 66 10.62 -5.23 -0.88
C GLY B 66 11.89 -4.44 -1.12
N SER B 67 11.93 -3.75 -2.26
CA SER B 67 13.05 -2.91 -2.64
C SER B 67 12.61 -1.98 -3.76
N GLY B 68 13.31 -0.87 -3.91
CA GLY B 68 13.02 0.05 -5.00
C GLY B 68 11.82 0.92 -4.70
N THR B 69 10.66 0.53 -5.22
CA THR B 69 9.46 1.35 -5.08
C THR B 69 8.26 0.61 -4.47
N ASP B 70 8.39 -0.70 -4.27
CA ASP B 70 7.30 -1.46 -3.68
C ASP B 70 7.74 -2.27 -2.47
N PHE B 71 7.00 -2.15 -1.38
CA PHE B 71 7.35 -2.75 -0.09
C PHE B 71 6.12 -3.30 0.62
N THR B 72 6.32 -4.27 1.50
CA THR B 72 5.21 -4.77 2.31
C THR B 72 5.64 -5.07 3.74
N LEU B 73 4.68 -4.92 4.64
CA LEU B 73 4.82 -5.35 6.03
C LEU B 73 3.85 -6.50 6.23
N THR B 74 4.31 -7.59 6.84
CA THR B 74 3.48 -8.76 7.05
C THR B 74 3.40 -9.10 8.53
N ILE B 75 2.19 -9.36 9.02
CA ILE B 75 2.02 -9.77 10.41
C ILE B 75 1.42 -11.16 10.41
N SER B 76 2.23 -12.14 10.81
CA SER B 76 1.80 -13.54 10.81
C SER B 76 1.14 -13.88 12.14
N SER B 77 -0.05 -14.46 12.07
CA SER B 77 -0.83 -14.76 13.27
C SER B 77 -1.01 -13.52 14.15
N LEU B 78 -1.71 -12.53 13.61
CA LEU B 78 -2.09 -11.31 14.31
C LEU B 78 -2.52 -11.55 15.76
N GLN B 79 -2.02 -10.74 16.70
CA GLN B 79 -2.47 -10.85 18.09
C GLN B 79 -3.20 -9.57 18.51
N SER B 80 -3.88 -9.61 19.65
CA SER B 80 -4.79 -8.53 20.07
C SER B 80 -4.06 -7.21 20.26
N GLU B 81 -2.77 -7.29 20.58
CA GLU B 81 -1.97 -6.08 20.77
C GLU B 81 -1.53 -5.43 19.44
N ASP B 82 -1.90 -6.06 18.33
CA ASP B 82 -1.44 -5.61 17.02
C ASP B 82 -2.44 -4.70 16.32
N PHE B 83 -3.63 -4.53 16.88
CA PHE B 83 -4.58 -3.61 16.28
C PHE B 83 -4.12 -2.19 16.58
N ALA B 84 -3.86 -1.45 15.51
CA ALA B 84 -3.14 -0.18 15.60
C ALA B 84 -3.05 0.46 14.23
N THR B 85 -2.42 1.63 14.15
CA THR B 85 -2.14 2.22 12.83
C THR B 85 -0.67 2.00 12.51
N TYR B 86 -0.39 1.66 11.26
CA TYR B 86 0.97 1.37 10.82
C TYR B 86 1.41 2.39 9.77
N TYR B 87 2.62 2.93 9.95
CA TYR B 87 3.15 3.93 9.02
C TYR B 87 4.44 3.44 8.40
N CYS B 88 4.67 3.73 7.13
CA CYS B 88 5.97 3.43 6.54
C CYS B 88 6.71 4.76 6.35
N GLN B 89 8.02 4.72 6.22
CA GLN B 89 8.80 5.95 6.11
C GLN B 89 10.05 5.71 5.30
N GLN B 90 10.28 6.53 4.29
CA GLN B 90 11.54 6.44 3.54
C GLN B 90 12.63 7.30 4.19
N TYR B 91 13.88 6.85 4.05
CA TYR B 91 15.00 7.65 4.52
C TYR B 91 16.24 7.51 3.64
N ILE B 92 16.02 7.35 2.34
CA ILE B 92 17.17 7.39 1.43
C ILE B 92 17.66 8.85 1.34
N SER B 93 16.75 9.81 1.38
CA SER B 93 17.18 11.21 1.30
C SER B 93 16.33 12.20 2.11
N LEU B 94 16.87 13.41 2.26
CA LEU B 94 16.26 14.44 3.06
C LEU B 94 15.18 15.19 2.27
N PRO B 95 14.03 15.46 2.90
CA PRO B 95 13.65 15.02 4.25
C PRO B 95 13.07 13.61 4.24
N PRO B 96 13.27 12.86 5.33
CA PRO B 96 12.55 11.60 5.50
C PRO B 96 11.06 11.91 5.48
N THR B 97 10.29 11.04 4.83
CA THR B 97 8.90 11.31 4.64
C THR B 97 8.09 10.04 4.96
N PHE B 98 6.91 10.23 5.51
CA PHE B 98 6.03 9.15 6.01
C PHE B 98 4.83 8.94 5.12
N GLY B 99 4.32 7.71 5.07
CA GLY B 99 3.03 7.43 4.46
C GLY B 99 1.90 7.93 5.34
N LEU B 100 0.65 7.87 4.85
CA LEU B 100 -0.47 8.39 5.65
C LEU B 100 -1.09 7.33 6.55
N GLY B 101 -0.55 6.11 6.49
CA GLY B 101 -0.91 5.10 7.47
C GLY B 101 -1.95 4.10 7.03
N THR B 102 -1.91 2.95 7.67
CA THR B 102 -2.91 1.89 7.46
C THR B 102 -3.43 1.48 8.82
N LYS B 103 -4.74 1.62 9.03
CA LYS B 103 -5.35 1.25 10.30
C LYS B 103 -5.77 -0.21 10.26
N VAL B 104 -5.29 -1.01 11.21
CA VAL B 104 -5.73 -2.40 11.32
C VAL B 104 -6.74 -2.52 12.44
N GLU B 105 -7.98 -2.84 12.07
CA GLU B 105 -9.10 -2.84 13.00
C GLU B 105 -9.62 -4.24 13.20
N ILE B 106 -10.51 -4.42 14.17
CA ILE B 106 -10.99 -5.76 14.51
C ILE B 106 -12.21 -6.16 13.71
N LYS B 107 -12.09 -7.27 12.99
CA LYS B 107 -13.21 -7.77 12.22
C LYS B 107 -14.30 -8.34 13.15
N ARG B 108 -15.55 -8.13 12.77
CA ARG B 108 -16.69 -8.75 13.45
C ARG B 108 -17.85 -8.85 12.48
N ALA B 109 -18.93 -9.48 12.92
CA ALA B 109 -20.10 -9.64 12.06
C ALA B 109 -20.73 -8.28 11.68
N VAL B 110 -21.27 -8.22 10.46
CA VAL B 110 -22.00 -7.04 10.02
C VAL B 110 -23.16 -6.74 10.98
N ALA B 111 -23.30 -5.47 11.32
CA ALA B 111 -24.36 -4.97 12.17
C ALA B 111 -24.92 -3.70 11.58
N ALA B 112 -26.21 -3.69 11.32
CA ALA B 112 -26.86 -2.50 10.81
C ALA B 112 -26.96 -1.42 11.89
N PRO B 113 -26.87 -0.16 11.49
CA PRO B 113 -27.03 0.88 12.50
C PRO B 113 -28.46 1.01 12.96
N SER B 114 -28.64 1.32 14.24
CA SER B 114 -29.91 1.83 14.72
C SER B 114 -29.84 3.32 14.45
N VAL B 115 -30.87 3.87 13.82
CA VAL B 115 -30.86 5.28 13.42
C VAL B 115 -31.86 6.10 14.23
N PHE B 116 -31.42 7.30 14.66
CA PHE B 116 -32.26 8.20 15.45
C PHE B 116 -32.06 9.61 14.95
N ILE B 117 -33.14 10.39 14.90
CA ILE B 117 -32.99 11.81 14.56
C ILE B 117 -33.49 12.66 15.73
N PHE B 118 -32.80 13.76 16.01
CA PHE B 118 -33.19 14.63 17.11
C PHE B 118 -33.44 16.05 16.60
N PRO B 119 -34.65 16.56 16.81
CA PRO B 119 -34.96 17.96 16.47
C PRO B 119 -34.28 18.91 17.45
N PRO B 120 -34.04 20.15 17.02
CA PRO B 120 -33.49 21.12 17.97
C PRO B 120 -34.47 21.44 19.09
N SER B 121 -33.95 21.64 20.28
CA SER B 121 -34.78 22.05 21.41
C SER B 121 -35.26 23.49 21.24
N GLU B 122 -36.30 23.84 22.00
CA GLU B 122 -36.84 25.19 21.98
C GLU B 122 -35.78 26.20 22.46
N ASP B 123 -34.94 25.78 23.39
CA ASP B 123 -33.90 26.66 23.91
C ASP B 123 -32.82 26.89 22.86
N GLN B 124 -32.60 25.91 21.99
CA GLN B 124 -31.69 26.10 20.87
C GLN B 124 -32.26 27.09 19.83
N VAL B 125 -33.55 26.94 19.50
CA VAL B 125 -34.21 27.87 18.57
C VAL B 125 -34.07 29.32 19.04
N LYS B 126 -34.28 29.54 20.33
CA LYS B 126 -34.20 30.89 20.87
C LYS B 126 -32.79 31.49 20.74
N SER B 127 -31.78 30.63 20.60
CA SER B 127 -30.40 31.13 20.48
C SER B 127 -30.14 31.67 19.08
N GLY B 128 -30.97 31.28 18.12
CA GLY B 128 -30.84 31.77 16.75
C GLY B 128 -30.01 30.89 15.85
N THR B 129 -29.34 29.89 16.44
CA THR B 129 -28.62 28.86 15.68
C THR B 129 -29.06 27.48 16.14
N VAL B 130 -29.37 26.60 15.18
CA VAL B 130 -29.88 25.27 15.54
C VAL B 130 -29.05 24.15 14.93
N SER B 131 -28.99 23.03 15.65
CA SER B 131 -28.33 21.83 15.16
C SER B 131 -29.35 20.72 15.11
N VAL B 132 -29.44 20.11 13.94
CA VAL B 132 -30.24 18.89 13.81
C VAL B 132 -29.26 17.71 13.84
N VAL B 133 -29.49 16.73 14.72
CA VAL B 133 -28.53 15.64 14.90
C VAL B 133 -29.13 14.30 14.48
N CYS B 134 -28.36 13.55 13.69
CA CYS B 134 -28.73 12.18 13.31
C CYS B 134 -27.70 11.25 13.92
N LEU B 135 -28.16 10.23 14.64
CA LEU B 135 -27.27 9.28 15.28
C LEU B 135 -27.37 7.91 14.59
N LEU B 136 -26.21 7.33 14.25
CA LEU B 136 -26.12 5.94 13.78
C LEU B 136 -25.42 5.15 14.87
N ASN B 137 -26.15 4.25 15.49
CA ASN B 137 -25.61 3.59 16.68
C ASN B 137 -25.22 2.13 16.47
N ASN B 138 -24.02 1.78 16.91
CA ASN B 138 -23.56 0.38 17.02
C ASN B 138 -23.62 -0.43 15.75
N PHE B 139 -22.88 0.01 14.75
CA PHE B 139 -22.87 -0.61 13.45
C PHE B 139 -21.47 -1.10 13.06
N TYR B 140 -21.42 -1.96 12.07
CA TYR B 140 -20.16 -2.46 11.54
C TYR B 140 -20.45 -3.01 10.15
N PRO B 141 -19.57 -2.76 9.18
CA PRO B 141 -18.31 -2.03 9.24
C PRO B 141 -18.52 -0.53 9.28
N ARG B 142 -17.39 0.18 9.28
CA ARG B 142 -17.36 1.64 9.45
C ARG B 142 -18.07 2.41 8.33
N GLU B 143 -17.94 1.91 7.10
CA GLU B 143 -18.46 2.61 5.92
C GLU B 143 -19.98 2.79 5.98
N ALA B 144 -20.41 4.04 5.88
CA ALA B 144 -21.83 4.37 5.97
C ALA B 144 -22.07 5.70 5.28
N SER B 145 -23.23 5.81 4.63
CA SER B 145 -23.58 7.05 3.95
C SER B 145 -24.75 7.66 4.68
N VAL B 146 -24.62 8.94 5.05
CA VAL B 146 -25.68 9.63 5.73
C VAL B 146 -26.04 10.87 4.92
N LYS B 147 -27.27 10.91 4.44
CA LYS B 147 -27.75 12.04 3.65
C LYS B 147 -28.83 12.84 4.37
N TRP B 148 -28.70 14.16 4.37
CA TRP B 148 -29.75 15.01 4.92
C TRP B 148 -30.71 15.42 3.83
N LYS B 149 -32.00 15.30 4.12
CA LYS B 149 -33.03 15.73 3.18
C LYS B 149 -33.97 16.69 3.88
N VAL B 150 -34.23 17.82 3.24
CA VAL B 150 -35.05 18.86 3.83
C VAL B 150 -36.17 19.15 2.84
N ASP B 151 -37.40 18.95 3.30
CA ASP B 151 -38.57 18.91 2.41
C ASP B 151 -38.31 18.06 1.17
N GLY B 152 -37.67 16.90 1.37
CA GLY B 152 -37.44 15.95 0.30
C GLY B 152 -36.20 16.17 -0.56
N VAL B 153 -35.49 17.28 -0.33
CA VAL B 153 -34.39 17.63 -1.22
C VAL B 153 -33.06 17.52 -0.50
N LEU B 154 -32.06 16.94 -1.17
CA LEU B 154 -30.76 16.71 -0.55
C LEU B 154 -30.16 18.03 -0.11
N LYS B 155 -29.74 18.09 1.15
CA LYS B 155 -29.10 19.29 1.67
C LYS B 155 -27.61 19.02 1.76
N THR B 156 -26.83 19.80 1.03
CA THR B 156 -25.39 19.64 1.06
C THR B 156 -24.72 20.85 1.68
N GLY B 157 -23.57 20.61 2.30
CA GLY B 157 -22.95 21.62 3.14
C GLY B 157 -23.69 21.68 4.46
N ASN B 158 -23.14 22.43 5.41
CA ASN B 158 -23.79 22.67 6.70
C ASN B 158 -23.89 21.46 7.60
N SER B 159 -23.29 20.33 7.22
CA SER B 159 -23.26 19.18 8.11
C SER B 159 -21.85 18.63 8.31
N GLN B 160 -21.64 18.02 9.49
CA GLN B 160 -20.36 17.47 9.87
C GLN B 160 -20.58 16.14 10.56
N GLU B 161 -19.70 15.17 10.27
CA GLU B 161 -19.77 13.87 10.92
C GLU B 161 -18.70 13.66 11.99
N SER B 162 -19.02 12.84 12.99
N SER B 162 -19.03 12.84 12.98
CA SER B 162 -18.06 12.45 14.02
CA SER B 162 -18.07 12.43 13.99
C SER B 162 -18.28 10.98 14.34
C SER B 162 -18.28 10.95 14.23
N VAL B 163 -17.19 10.21 14.39
CA VAL B 163 -17.27 8.76 14.57
C VAL B 163 -16.45 8.33 15.80
N THR B 164 -16.96 7.36 16.54
CA THR B 164 -16.22 6.81 17.67
C THR B 164 -15.13 5.89 17.16
N GLU B 165 -14.16 5.55 18.02
CA GLU B 165 -13.27 4.42 17.75
C GLU B 165 -14.07 3.13 17.97
N GLN B 166 -13.54 2.00 17.51
CA GLN B 166 -14.23 0.73 17.73
C GLN B 166 -14.49 0.51 19.21
N ASP B 167 -15.73 0.15 19.54
CA ASP B 167 -16.14 -0.05 20.93
C ASP B 167 -15.38 -1.21 21.58
N SER B 168 -14.87 -0.96 22.78
CA SER B 168 -14.12 -1.99 23.50
C SER B 168 -14.96 -3.24 23.79
N LYS B 169 -16.27 -3.06 23.97
CA LYS B 169 -17.12 -4.19 24.31
C LYS B 169 -17.56 -5.00 23.09
N ASP B 170 -18.11 -4.33 22.07
CA ASP B 170 -18.66 -5.08 20.94
C ASP B 170 -18.02 -4.79 19.58
N ASN B 171 -16.94 -4.01 19.57
CA ASN B 171 -16.21 -3.68 18.35
C ASN B 171 -17.02 -2.98 17.27
N THR B 172 -18.11 -2.31 17.65
CA THR B 172 -18.90 -1.57 16.67
C THR B 172 -18.52 -0.12 16.67
N TYR B 173 -19.04 0.61 15.70
CA TYR B 173 -18.86 2.05 15.60
C TYR B 173 -20.17 2.75 15.89
N SER B 174 -20.08 4.01 16.30
CA SER B 174 -21.24 4.88 16.30
C SER B 174 -20.86 6.19 15.61
N LEU B 175 -21.85 6.84 15.03
CA LEU B 175 -21.55 8.04 14.25
C LEU B 175 -22.63 9.09 14.46
N SER B 176 -22.22 10.36 14.52
CA SER B 176 -23.19 11.44 14.54
C SER B 176 -23.03 12.29 13.28
N SER B 177 -24.15 12.74 12.74
CA SER B 177 -24.15 13.73 11.68
C SER B 177 -24.94 14.93 12.21
N THR B 178 -24.31 16.09 12.23
CA THR B 178 -24.92 17.30 12.77
C THR B 178 -25.11 18.35 11.68
N LEU B 179 -26.35 18.72 11.45
CA LEU B 179 -26.69 19.76 10.48
C LEU B 179 -26.88 21.07 11.21
N THR B 180 -26.07 22.08 10.89
CA THR B 180 -26.15 23.35 11.58
C THR B 180 -26.76 24.42 10.69
N LEU B 181 -27.83 25.04 11.18
CA LEU B 181 -28.59 26.03 10.42
C LEU B 181 -28.84 27.28 11.24
N SER B 182 -28.96 28.43 10.58
CA SER B 182 -29.52 29.58 11.27
C SER B 182 -30.98 29.24 11.56
N ASN B 183 -31.52 29.84 12.62
CA ASN B 183 -32.92 29.57 12.90
C ASN B 183 -33.80 30.07 11.76
N THR B 184 -33.41 31.19 11.16
CA THR B 184 -34.14 31.69 9.98
C THR B 184 -34.23 30.60 8.91
N ASP B 185 -33.10 29.96 8.63
CA ASP B 185 -33.08 28.87 7.65
C ASP B 185 -33.94 27.69 8.11
N TYR B 186 -33.78 27.32 9.38
CA TYR B 186 -34.51 26.17 9.92
C TYR B 186 -36.02 26.35 9.82
N GLN B 187 -36.49 27.56 10.08
CA GLN B 187 -37.93 27.83 10.15
C GLN B 187 -38.56 27.88 8.75
N SER B 188 -37.71 27.88 7.72
CA SER B 188 -38.21 28.08 6.35
C SER B 188 -38.62 26.75 5.71
N HIS B 189 -38.34 25.64 6.38
CA HIS B 189 -38.70 24.32 5.88
C HIS B 189 -39.43 23.50 6.94
N ASN B 190 -40.15 22.46 6.51
CA ASN B 190 -41.01 21.72 7.42
C ASN B 190 -40.48 20.33 7.80
N VAL B 191 -40.09 19.55 6.81
CA VAL B 191 -39.71 18.16 7.05
C VAL B 191 -38.20 17.99 6.99
N TYR B 192 -37.65 17.39 8.04
CA TYR B 192 -36.23 17.12 8.13
C TYR B 192 -36.00 15.64 8.26
N ALA B 193 -35.10 15.10 7.45
CA ALA B 193 -34.87 13.66 7.48
C ALA B 193 -33.42 13.33 7.27
N CYS B 194 -32.93 12.27 7.92
CA CYS B 194 -31.63 11.74 7.54
C CYS B 194 -31.83 10.36 6.96
N GLU B 195 -31.12 10.09 5.87
CA GLU B 195 -31.28 8.83 5.16
C GLU B 195 -29.96 8.09 5.18
N VAL B 196 -29.98 6.86 5.68
CA VAL B 196 -28.77 6.11 5.96
C VAL B 196 -28.67 4.89 5.05
N THR B 197 -27.54 4.74 4.38
CA THR B 197 -27.23 3.50 3.66
C THR B 197 -26.03 2.82 4.31
N HIS B 198 -26.09 1.50 4.38
CA HIS B 198 -25.07 0.71 5.04
C HIS B 198 -25.19 -0.73 4.56
N GLN B 199 -24.06 -1.46 4.55
CA GLN B 199 -24.00 -2.84 4.09
C GLN B 199 -25.00 -3.76 4.80
N GLY B 200 -25.37 -3.40 6.03
CA GLY B 200 -26.27 -4.22 6.82
C GLY B 200 -27.75 -3.99 6.53
N LEU B 201 -28.03 -3.10 5.58
CA LEU B 201 -29.40 -2.71 5.25
C LEU B 201 -29.66 -2.95 3.77
N SER B 202 -30.64 -3.79 3.44
CA SER B 202 -30.97 -4.02 2.05
C SER B 202 -31.47 -2.73 1.37
N SER B 203 -32.10 -1.85 2.15
CA SER B 203 -32.58 -0.57 1.63
C SER B 203 -32.21 0.55 2.60
N PRO B 204 -32.06 1.77 2.08
CA PRO B 204 -31.73 2.86 3.02
C PRO B 204 -32.83 3.07 4.05
N VAL B 205 -32.46 3.47 5.26
N VAL B 205 -32.45 3.46 5.26
CA VAL B 205 -33.41 3.76 6.33
CA VAL B 205 -33.42 3.77 6.28
C VAL B 205 -33.49 5.26 6.58
C VAL B 205 -33.51 5.28 6.41
N THR B 206 -34.72 5.77 6.64
CA THR B 206 -34.95 7.20 6.83
C THR B 206 -35.67 7.47 8.14
N LYS B 207 -35.11 8.36 8.95
CA LYS B 207 -35.81 8.87 10.12
C LYS B 207 -36.09 10.35 9.88
N SER B 208 -37.26 10.81 10.27
CA SER B 208 -37.61 12.19 9.99
C SER B 208 -38.48 12.78 11.08
N PHE B 209 -38.58 14.10 11.08
CA PHE B 209 -39.59 14.77 11.89
C PHE B 209 -40.12 15.97 11.12
N ASN B 210 -41.29 16.45 11.54
CA ASN B 210 -41.84 17.70 11.03
C ASN B 210 -41.61 18.80 12.05
N ARG B 211 -41.02 19.91 11.59
CA ARG B 211 -40.72 21.00 12.51
C ARG B 211 -41.97 21.46 13.27
N GLY B 212 -41.86 21.49 14.59
CA GLY B 212 -42.94 21.96 15.44
C GLY B 212 -44.06 20.95 15.71
N GLU B 213 -43.95 19.74 15.17
CA GLU B 213 -45.00 18.75 15.37
C GLU B 213 -45.08 18.30 16.82
N GLN C 1 -9.89 -22.95 -32.37
CA GLN C 1 -10.85 -22.20 -33.18
C GLN C 1 -10.45 -20.73 -33.25
N VAL C 2 -10.66 -19.99 -32.16
CA VAL C 2 -10.32 -18.57 -32.12
C VAL C 2 -8.82 -18.34 -32.03
N GLN C 3 -8.30 -17.50 -32.92
CA GLN C 3 -6.91 -17.06 -32.84
C GLN C 3 -6.88 -15.56 -32.59
N LEU C 4 -6.04 -15.11 -31.66
CA LEU C 4 -5.91 -13.68 -31.36
C LEU C 4 -4.45 -13.25 -31.44
N GLN C 5 -4.21 -12.09 -32.05
CA GLN C 5 -2.86 -11.54 -32.10
C GLN C 5 -2.91 -10.03 -31.89
N GLU C 6 -2.28 -9.55 -30.82
CA GLU C 6 -2.26 -8.12 -30.56
C GLU C 6 -0.98 -7.48 -31.10
N SER C 7 -1.02 -6.16 -31.28
CA SER C 7 0.12 -5.44 -31.81
C SER C 7 0.04 -3.96 -31.43
N GLY C 8 1.09 -3.21 -31.76
CA GLY C 8 1.11 -1.79 -31.48
C GLY C 8 2.50 -1.31 -31.17
N PRO C 9 2.66 0.01 -30.95
CA PRO C 9 3.94 0.63 -30.59
C PRO C 9 4.46 0.14 -29.25
N GLY C 10 5.67 -0.42 -29.23
CA GLY C 10 6.24 -0.95 -28.01
C GLY C 10 6.65 0.12 -27.01
N LEU C 11 6.73 1.36 -27.47
CA LEU C 11 7.14 2.47 -26.61
C LEU C 11 6.25 3.69 -26.78
N VAL C 12 5.72 4.19 -25.66
CA VAL C 12 4.94 5.41 -25.65
C VAL C 12 5.52 6.42 -24.65
N LYS C 13 5.67 7.66 -25.09
CA LYS C 13 6.14 8.72 -24.18
C LYS C 13 5.01 9.07 -23.21
N PRO C 14 5.36 9.40 -21.96
CA PRO C 14 4.30 9.72 -20.98
C PRO C 14 3.47 10.94 -21.38
N SER C 15 2.20 10.94 -20.98
CA SER C 15 1.18 11.95 -21.32
C SER C 15 0.66 11.78 -22.76
N GLU C 16 1.22 10.83 -23.49
CA GLU C 16 0.79 10.55 -24.87
C GLU C 16 -0.36 9.54 -24.86
N THR C 17 -0.81 9.13 -26.05
CA THR C 17 -1.87 8.12 -26.17
C THR C 17 -1.31 6.74 -26.47
N LEU C 18 -1.66 5.77 -25.63
CA LEU C 18 -1.28 4.40 -25.89
C LEU C 18 -2.36 3.75 -26.77
N SER C 19 -1.94 3.27 -27.93
CA SER C 19 -2.86 2.61 -28.86
C SER C 19 -2.44 1.16 -29.11
N VAL C 20 -3.36 0.23 -28.86
CA VAL C 20 -3.09 -1.18 -29.09
C VAL C 20 -4.24 -1.77 -29.90
N THR C 21 -3.94 -2.73 -30.76
CA THR C 21 -4.95 -3.36 -31.62
C THR C 21 -4.82 -4.87 -31.60
N CYS C 22 -5.95 -5.55 -31.80
CA CYS C 22 -5.99 -7.01 -31.76
C CYS C 22 -6.69 -7.54 -33.00
N ALA C 23 -6.03 -8.47 -33.69
CA ALA C 23 -6.64 -9.09 -34.87
C ALA C 23 -7.27 -10.41 -34.47
N VAL C 24 -8.57 -10.52 -34.72
CA VAL C 24 -9.35 -11.71 -34.39
C VAL C 24 -9.61 -12.55 -35.62
N SER C 25 -9.32 -13.85 -35.53
CA SER C 25 -9.59 -14.75 -36.64
C SER C 25 -10.13 -16.09 -36.16
N GLY C 26 -10.85 -16.79 -37.03
CA GLY C 26 -11.34 -18.12 -36.70
C GLY C 26 -12.84 -18.23 -36.42
N VAL C 27 -13.46 -17.12 -36.05
CA VAL C 27 -14.89 -17.10 -35.76
C VAL C 27 -15.57 -15.88 -36.36
N SER C 28 -16.90 -15.85 -36.32
CA SER C 28 -17.65 -14.66 -36.69
C SER C 28 -17.44 -13.59 -35.62
N PHE C 29 -16.66 -12.58 -35.97
CA PHE C 29 -16.29 -11.49 -35.07
C PHE C 29 -17.50 -10.87 -34.39
N SER C 30 -18.55 -10.58 -35.16
CA SER C 30 -19.67 -9.82 -34.64
C SER C 30 -20.56 -10.60 -33.69
N SER C 31 -20.29 -11.90 -33.53
CA SER C 31 -21.13 -12.74 -32.68
C SER C 31 -20.70 -12.75 -31.22
N PHE C 32 -19.54 -12.17 -30.92
CA PHE C 32 -18.96 -12.33 -29.61
C PHE C 32 -18.55 -11.00 -28.98
N TRP C 33 -18.17 -11.07 -27.72
CA TRP C 33 -17.70 -9.91 -26.99
C TRP C 33 -16.19 -10.00 -26.83
N TRP C 34 -15.49 -8.89 -27.07
CA TRP C 34 -14.04 -8.86 -27.05
C TRP C 34 -13.55 -7.74 -26.13
N GLY C 35 -12.43 -7.96 -25.48
CA GLY C 35 -11.93 -6.92 -24.59
C GLY C 35 -10.44 -6.99 -24.30
N TRP C 36 -10.02 -6.12 -23.39
CA TRP C 36 -8.61 -5.96 -23.08
C TRP C 36 -8.35 -6.18 -21.61
N ILE C 37 -7.28 -6.90 -21.30
CA ILE C 37 -6.83 -7.11 -19.94
C ILE C 37 -5.32 -6.82 -19.91
N ARG C 38 -4.83 -6.24 -18.81
CA ARG C 38 -3.41 -5.95 -18.74
C ARG C 38 -2.78 -6.45 -17.46
N GLN C 39 -1.48 -6.69 -17.52
CA GLN C 39 -0.72 -7.02 -16.31
C GLN C 39 0.54 -6.20 -16.27
N SER C 40 0.64 -5.37 -15.24
CA SER C 40 1.85 -4.58 -15.02
C SER C 40 2.90 -5.45 -14.34
N PRO C 41 4.19 -5.20 -14.64
CA PRO C 41 5.31 -5.89 -14.00
C PRO C 41 5.15 -6.00 -12.48
N GLY C 42 4.99 -7.22 -11.97
CA GLY C 42 4.89 -7.44 -10.54
C GLY C 42 3.54 -7.10 -9.96
N LYS C 43 2.58 -6.80 -10.82
CA LYS C 43 1.23 -6.46 -10.37
C LYS C 43 0.23 -7.50 -10.87
N GLY C 44 -1.00 -7.42 -10.38
CA GLY C 44 -2.01 -8.38 -10.78
C GLY C 44 -2.61 -8.09 -12.14
N LEU C 45 -3.36 -9.06 -12.66
CA LEU C 45 -4.11 -8.83 -13.88
C LEU C 45 -5.22 -7.82 -13.61
N GLU C 46 -5.43 -6.91 -14.57
CA GLU C 46 -6.48 -5.91 -14.48
C GLU C 46 -7.33 -5.85 -15.75
N TRP C 47 -8.63 -6.11 -15.62
CA TRP C 47 -9.55 -5.99 -16.73
C TRP C 47 -9.80 -4.54 -17.08
N ILE C 48 -9.73 -4.21 -18.36
CA ILE C 48 -9.86 -2.83 -18.82
C ILE C 48 -11.26 -2.55 -19.36
N GLY C 49 -11.77 -3.43 -20.21
CA GLY C 49 -13.08 -3.21 -20.78
C GLY C 49 -13.40 -4.29 -21.81
N THR C 50 -14.67 -4.45 -22.12
CA THR C 50 -15.13 -5.48 -23.06
C THR C 50 -16.29 -4.89 -23.84
N ILE C 51 -16.27 -5.06 -25.15
CA ILE C 51 -17.33 -4.52 -25.99
C ILE C 51 -17.94 -5.62 -26.88
N TYR C 52 -19.20 -5.42 -27.27
CA TYR C 52 -19.90 -6.34 -28.15
C TYR C 52 -19.38 -6.17 -29.58
N GLY C 53 -18.98 -7.26 -30.22
CA GLY C 53 -18.50 -7.22 -31.59
C GLY C 53 -19.50 -6.58 -32.54
N SER C 54 -20.79 -6.76 -32.26
CA SER C 54 -21.83 -6.27 -33.13
C SER C 54 -22.09 -4.77 -32.93
N SER C 55 -22.33 -4.36 -31.69
CA SER C 55 -22.75 -2.98 -31.43
C SER C 55 -21.59 -2.04 -31.17
N GLY C 56 -20.44 -2.60 -30.81
CA GLY C 56 -19.29 -1.79 -30.48
C GLY C 56 -19.44 -1.11 -29.12
N ARG C 57 -20.50 -1.44 -28.40
CA ARG C 57 -20.70 -0.89 -27.07
C ARG C 57 -20.43 -1.94 -26.00
N GLY C 58 -20.11 -1.49 -24.80
CA GLY C 58 -19.83 -2.44 -23.74
C GLY C 58 -19.64 -1.80 -22.38
N GLU C 59 -18.72 -2.38 -21.61
CA GLU C 59 -18.49 -1.95 -20.25
C GLU C 59 -17.01 -1.75 -19.99
N TYR C 60 -16.70 -0.84 -19.07
CA TYR C 60 -15.32 -0.50 -18.77
C TYR C 60 -15.03 -0.61 -17.28
N ASN C 61 -13.76 -0.79 -16.94
CA ASN C 61 -13.34 -0.70 -15.56
C ASN C 61 -13.48 0.74 -15.08
N PRO C 62 -14.31 0.97 -14.06
CA PRO C 62 -14.58 2.30 -13.49
C PRO C 62 -13.32 3.08 -13.18
N SER C 63 -12.23 2.36 -12.87
CA SER C 63 -10.98 3.00 -12.48
C SER C 63 -10.22 3.60 -13.68
N LEU C 64 -10.53 3.11 -14.87
CA LEU C 64 -9.81 3.52 -16.07
C LEU C 64 -10.74 4.18 -17.09
N LYS C 65 -12.04 4.14 -16.82
CA LYS C 65 -13.06 4.52 -17.81
C LYS C 65 -12.84 5.90 -18.43
N SER C 66 -12.31 6.82 -17.64
CA SER C 66 -12.09 8.20 -18.07
C SER C 66 -11.05 8.31 -19.20
N ARG C 67 -10.07 7.41 -19.18
CA ARG C 67 -8.95 7.49 -20.09
C ARG C 67 -9.00 6.46 -21.22
N THR C 68 -10.04 5.63 -21.25
CA THR C 68 -10.06 4.54 -22.23
C THR C 68 -11.24 4.59 -23.18
N THR C 69 -10.97 4.28 -24.45
CA THR C 69 -12.01 3.94 -25.39
C THR C 69 -11.63 2.62 -26.07
N ILE C 70 -12.62 1.76 -26.23
CA ILE C 70 -12.41 0.49 -26.91
C ILE C 70 -13.32 0.48 -28.12
N SER C 71 -12.74 0.29 -29.30
CA SER C 71 -13.53 0.30 -30.53
C SER C 71 -13.35 -0.99 -31.31
N ARG C 72 -14.22 -1.22 -32.29
CA ARG C 72 -14.11 -2.40 -33.13
C ARG C 72 -14.21 -2.03 -34.60
N ASP C 73 -13.65 -2.88 -35.44
CA ASP C 73 -13.71 -2.71 -36.90
C ASP C 73 -14.09 -4.04 -37.52
N THR C 74 -15.33 -4.17 -37.97
CA THR C 74 -15.82 -5.46 -38.47
C THR C 74 -15.20 -5.80 -39.81
N SER C 75 -14.72 -4.79 -40.53
CA SER C 75 -14.10 -5.00 -41.84
C SER C 75 -12.93 -5.98 -41.78
N LYS C 76 -11.96 -5.73 -40.90
CA LYS C 76 -10.88 -6.70 -40.77
C LYS C 76 -10.84 -7.35 -39.39
N SER C 77 -12.02 -7.53 -38.79
CA SER C 77 -12.16 -8.23 -37.50
C SER C 77 -11.11 -7.81 -36.48
N GLN C 78 -11.10 -6.55 -36.11
CA GLN C 78 -10.12 -6.04 -35.15
C GLN C 78 -10.80 -5.29 -34.02
N ILE C 79 -10.23 -5.38 -32.82
CA ILE C 79 -10.60 -4.42 -31.78
C ILE C 79 -9.39 -3.58 -31.45
N SER C 80 -9.64 -2.37 -30.97
CA SER C 80 -8.57 -1.43 -30.65
C SER C 80 -8.74 -0.92 -29.24
N LEU C 81 -7.62 -0.52 -28.64
CA LEU C 81 -7.61 0.12 -27.34
C LEU C 81 -6.88 1.45 -27.42
N GLU C 82 -7.51 2.51 -26.91
CA GLU C 82 -6.85 3.80 -26.79
C GLU C 82 -6.85 4.23 -25.33
N LEU C 83 -5.66 4.37 -24.76
CA LEU C 83 -5.53 4.81 -23.37
C LEU C 83 -4.80 6.14 -23.37
N THR C 84 -5.42 7.17 -22.81
CA THR C 84 -4.88 8.51 -22.86
C THR C 84 -4.23 8.95 -21.55
N SER C 85 -3.45 10.03 -21.62
CA SER C 85 -2.80 10.59 -20.46
C SER C 85 -2.01 9.54 -19.70
N VAL C 86 -1.23 8.75 -20.42
CA VAL C 86 -0.54 7.60 -19.81
C VAL C 86 0.65 8.03 -18.96
N THR C 87 0.95 7.23 -17.95
CA THR C 87 2.10 7.46 -17.09
C THR C 87 2.91 6.17 -16.98
N ALA C 88 3.92 6.18 -16.11
CA ALA C 88 4.74 5.00 -15.88
C ALA C 88 3.89 3.79 -15.51
N ALA C 89 2.82 4.02 -14.76
CA ALA C 89 1.98 2.96 -14.22
C ALA C 89 1.15 2.25 -15.29
N ASP C 90 1.30 2.68 -16.55
CA ASP C 90 0.58 2.02 -17.65
C ASP C 90 1.48 1.05 -18.40
N THR C 91 2.76 0.99 -18.03
CA THR C 91 3.68 0.00 -18.58
C THR C 91 3.19 -1.40 -18.23
N ALA C 92 2.81 -2.16 -19.25
CA ALA C 92 2.25 -3.49 -19.00
C ALA C 92 2.28 -4.36 -20.24
N ILE C 93 1.96 -5.64 -20.04
CA ILE C 93 1.62 -6.53 -21.13
C ILE C 93 0.11 -6.38 -21.37
N TYR C 94 -0.28 -6.14 -22.61
CA TYR C 94 -1.68 -5.91 -22.94
C TYR C 94 -2.25 -7.12 -23.68
N TYR C 95 -3.26 -7.75 -23.09
CA TYR C 95 -3.89 -8.95 -23.64
C TYR C 95 -5.25 -8.66 -24.23
N CYS C 96 -5.47 -9.13 -25.45
CA CYS C 96 -6.79 -9.23 -26.08
C CYS C 96 -7.47 -10.51 -25.61
N SER C 97 -8.79 -10.49 -25.46
CA SER C 97 -9.51 -11.69 -24.98
C SER C 97 -10.94 -11.72 -25.46
N ARG C 98 -11.52 -12.92 -25.46
CA ARG C 98 -12.96 -13.04 -25.66
C ARG C 98 -13.65 -13.13 -24.30
N GLY C 99 -14.71 -12.34 -24.11
CA GLY C 99 -15.43 -12.37 -22.84
C GLY C 99 -16.78 -13.08 -22.96
N LEU C 100 -17.00 -14.05 -22.08
CA LEU C 100 -18.26 -14.76 -22.02
C LEU C 100 -19.03 -14.32 -20.77
N PHE C 101 -20.35 -14.39 -20.82
CA PHE C 101 -21.19 -14.13 -19.67
C PHE C 101 -22.43 -15.01 -19.74
N GLN C 102 -23.15 -15.13 -18.64
CA GLN C 102 -24.28 -16.04 -18.53
C GLN C 102 -25.37 -15.43 -17.66
N PRO C 103 -26.64 -15.78 -17.90
CA PRO C 103 -27.66 -15.39 -16.93
C PRO C 103 -27.36 -16.00 -15.56
N ALA C 104 -27.51 -15.21 -14.50
CA ALA C 104 -27.27 -15.72 -13.15
C ALA C 104 -28.50 -16.47 -12.63
N PHE C 108 -33.51 -10.79 -15.04
CA PHE C 108 -32.70 -10.35 -16.18
C PHE C 108 -31.22 -10.34 -15.83
N THR C 109 -30.91 -10.65 -14.57
CA THR C 109 -29.54 -10.50 -14.05
C THR C 109 -28.54 -11.39 -14.78
N LEU C 110 -27.46 -10.77 -15.23
CA LEU C 110 -26.36 -11.48 -15.89
C LEU C 110 -25.13 -11.52 -14.99
N THR C 111 -24.21 -12.42 -15.29
CA THR C 111 -22.88 -12.38 -14.69
C THR C 111 -22.06 -11.32 -15.41
N SER C 112 -20.87 -11.04 -14.88
CA SER C 112 -19.87 -10.30 -15.64
C SER C 112 -19.07 -11.31 -16.47
N TYR C 113 -17.88 -10.91 -16.92
CA TYR C 113 -17.16 -11.70 -17.92
C TYR C 113 -16.13 -12.67 -17.38
N TRP C 114 -16.06 -13.85 -18.00
CA TRP C 114 -14.88 -14.69 -17.84
C TRP C 114 -14.29 -14.83 -19.23
N PHE C 115 -13.06 -15.32 -19.32
CA PHE C 115 -12.28 -15.08 -20.53
C PHE C 115 -11.75 -16.37 -21.10
N ASP C 116 -12.38 -16.86 -22.17
CA ASP C 116 -12.13 -18.25 -22.56
C ASP C 116 -11.03 -18.41 -23.61
N VAL C 117 -10.61 -17.31 -24.24
CA VAL C 117 -9.44 -17.34 -25.10
C VAL C 117 -8.68 -16.01 -24.97
N TRP C 118 -7.36 -16.09 -24.90
CA TRP C 118 -6.51 -14.90 -24.80
C TRP C 118 -5.47 -14.85 -25.93
N GLY C 119 -5.02 -13.67 -26.30
CA GLY C 119 -3.89 -13.54 -27.19
C GLY C 119 -2.60 -13.69 -26.41
N PRO C 120 -1.46 -13.77 -27.12
CA PRO C 120 -0.13 -13.86 -26.47
C PRO C 120 0.24 -12.62 -25.66
N GLY C 121 -0.33 -11.47 -26.01
CA GLY C 121 -0.07 -10.25 -25.28
C GLY C 121 1.04 -9.43 -25.93
N VAL C 122 0.90 -8.11 -25.89
CA VAL C 122 1.93 -7.23 -26.42
C VAL C 122 2.48 -6.38 -25.28
N PRO C 123 3.81 -6.39 -25.12
CA PRO C 123 4.43 -5.54 -24.10
C PRO C 123 4.50 -4.09 -24.56
N VAL C 124 4.03 -3.19 -23.70
CA VAL C 124 4.15 -1.77 -23.97
C VAL C 124 4.86 -1.10 -22.80
N THR C 125 5.84 -0.26 -23.09
CA THR C 125 6.54 0.48 -22.05
C THR C 125 6.27 1.98 -22.21
N VAL C 126 5.96 2.63 -21.09
CA VAL C 126 5.80 4.08 -21.08
C VAL C 126 7.04 4.70 -20.46
N SER C 127 7.83 5.39 -21.28
CA SER C 127 9.09 5.99 -20.84
C SER C 127 9.43 7.23 -21.65
N SER C 128 10.22 8.12 -21.06
CA SER C 128 10.66 9.33 -21.75
C SER C 128 12.09 9.19 -22.25
N ALA C 129 12.71 8.06 -21.93
CA ALA C 129 14.06 7.77 -22.40
C ALA C 129 14.10 7.57 -23.91
N SER C 130 15.24 7.87 -24.52
CA SER C 130 15.40 7.74 -25.97
C SER C 130 16.22 6.49 -26.33
N THR C 131 16.06 6.03 -27.55
CA THR C 131 16.73 4.82 -28.02
C THR C 131 18.25 4.94 -27.96
N LYS C 132 18.88 4.00 -27.26
CA LYS C 132 20.32 3.98 -27.14
C LYS C 132 20.91 2.58 -27.34
N GLY C 133 22.00 2.51 -28.10
CA GLY C 133 22.72 1.27 -28.29
C GLY C 133 23.41 0.83 -27.01
N PRO C 134 23.48 -0.49 -26.79
CA PRO C 134 24.07 -1.02 -25.56
C PRO C 134 25.58 -0.88 -25.51
N SER C 135 26.11 -0.54 -24.35
CA SER C 135 27.52 -0.70 -24.07
C SER C 135 27.74 -2.14 -23.65
N VAL C 136 28.73 -2.79 -24.25
CA VAL C 136 28.97 -4.21 -23.98
C VAL C 136 30.37 -4.43 -23.45
N PHE C 137 30.46 -5.03 -22.27
CA PHE C 137 31.75 -5.30 -21.65
C PHE C 137 31.93 -6.78 -21.35
N PRO C 138 33.17 -7.26 -21.45
CA PRO C 138 33.48 -8.65 -21.12
C PRO C 138 33.49 -8.90 -19.62
N LEU C 139 32.99 -10.05 -19.18
CA LEU C 139 33.17 -10.49 -17.81
C LEU C 139 34.19 -11.63 -17.80
N ALA C 140 35.40 -11.32 -17.35
CA ALA C 140 36.48 -12.29 -17.32
C ALA C 140 36.78 -12.75 -15.89
N PRO C 141 37.14 -14.04 -15.73
CA PRO C 141 37.48 -14.65 -14.43
C PRO C 141 38.45 -13.80 -13.60
N SER C 149 37.48 -27.29 -11.84
CA SER C 149 37.68 -27.75 -13.21
C SER C 149 36.73 -27.05 -14.17
N THR C 150 36.02 -26.04 -13.67
CA THR C 150 35.05 -25.31 -14.48
C THR C 150 35.08 -23.81 -14.21
N ALA C 151 35.21 -23.03 -15.29
CA ALA C 151 35.28 -21.58 -15.18
C ALA C 151 34.02 -20.89 -15.72
N ALA C 152 33.75 -19.69 -15.25
CA ALA C 152 32.60 -18.92 -15.72
C ALA C 152 33.07 -17.66 -16.41
N LEU C 153 32.45 -17.32 -17.53
CA LEU C 153 32.74 -16.06 -18.18
C LEU C 153 31.43 -15.45 -18.64
N GLY C 154 31.47 -14.18 -19.04
CA GLY C 154 30.23 -13.51 -19.37
C GLY C 154 30.31 -12.20 -20.12
N CYS C 155 29.15 -11.58 -20.27
CA CYS C 155 28.98 -10.35 -21.03
C CYS C 155 28.03 -9.45 -20.26
N LEU C 156 28.46 -8.22 -20.01
CA LEU C 156 27.62 -7.21 -19.38
C LEU C 156 27.05 -6.28 -20.44
N VAL C 157 25.73 -6.15 -20.49
CA VAL C 157 25.06 -5.33 -21.49
C VAL C 157 24.29 -4.22 -20.79
N LYS C 158 24.82 -3.01 -20.77
CA LYS C 158 24.13 -1.96 -20.01
C LYS C 158 23.83 -0.70 -20.80
N ASP C 159 22.93 0.09 -20.22
CA ASP C 159 22.58 1.42 -20.72
C ASP C 159 21.90 1.40 -22.08
N TYR C 160 21.24 0.29 -22.42
CA TYR C 160 20.53 0.23 -23.68
C TYR C 160 19.05 0.56 -23.49
N PHE C 161 18.43 0.96 -24.58
CA PHE C 161 17.00 1.23 -24.59
C PHE C 161 16.49 1.21 -26.03
N PRO C 162 15.30 0.64 -26.26
CA PRO C 162 14.47 -0.05 -25.27
C PRO C 162 14.81 -1.53 -25.17
N GLU C 163 14.02 -2.28 -24.42
CA GLU C 163 14.09 -3.73 -24.41
C GLU C 163 13.67 -4.30 -25.76
N PRO C 164 14.21 -5.46 -26.14
CA PRO C 164 15.30 -6.13 -25.42
C PRO C 164 16.52 -6.35 -26.30
N VAL C 165 17.47 -7.12 -25.79
CA VAL C 165 18.65 -7.49 -26.55
C VAL C 165 18.69 -9.00 -26.70
N THR C 166 19.52 -9.49 -27.62
CA THR C 166 19.66 -10.92 -27.80
C THR C 166 21.14 -11.27 -27.71
N VAL C 167 21.45 -12.30 -26.93
CA VAL C 167 22.84 -12.66 -26.70
C VAL C 167 23.08 -14.14 -27.00
N SER C 168 24.16 -14.42 -27.72
CA SER C 168 24.61 -15.79 -27.91
C SER C 168 26.13 -15.82 -27.82
N TRP C 169 26.70 -17.03 -27.75
CA TRP C 169 28.15 -17.17 -27.73
C TRP C 169 28.63 -18.00 -28.90
N ASN C 170 29.79 -17.60 -29.44
CA ASN C 170 30.37 -18.25 -30.61
C ASN C 170 29.33 -18.37 -31.72
N SER C 171 28.46 -17.36 -31.80
CA SER C 171 27.37 -17.29 -32.75
C SER C 171 26.57 -18.59 -32.81
N GLY C 172 25.81 -18.86 -31.76
CA GLY C 172 24.89 -19.98 -31.74
C GLY C 172 25.46 -21.31 -31.29
N SER C 173 26.75 -21.54 -31.57
CA SER C 173 27.36 -22.84 -31.32
C SER C 173 27.41 -23.21 -29.84
N LEU C 174 27.21 -22.24 -28.96
CA LEU C 174 27.17 -22.52 -27.53
C LEU C 174 25.88 -22.00 -26.87
N THR C 175 25.02 -22.94 -26.48
CA THR C 175 23.85 -22.65 -25.69
C THR C 175 23.92 -23.47 -24.39
N SER C 176 24.86 -24.41 -24.36
CA SER C 176 25.05 -25.31 -23.23
C SER C 176 25.71 -24.64 -22.03
N GLY C 177 24.94 -24.42 -20.97
CA GLY C 177 25.47 -23.81 -19.76
C GLY C 177 25.31 -22.30 -19.76
N VAL C 178 24.57 -21.80 -20.74
CA VAL C 178 24.37 -20.37 -20.89
C VAL C 178 23.24 -19.87 -20.00
N HIS C 179 23.49 -18.78 -19.26
CA HIS C 179 22.42 -18.12 -18.52
C HIS C 179 22.35 -16.64 -18.86
N THR C 180 21.23 -16.23 -19.43
CA THR C 180 21.00 -14.82 -19.71
C THR C 180 19.94 -14.28 -18.75
N PHE C 181 20.35 -13.32 -17.93
CA PHE C 181 19.52 -12.79 -16.86
C PHE C 181 18.49 -11.78 -17.35
N PRO C 182 17.35 -11.71 -16.64
CA PRO C 182 16.34 -10.69 -16.88
C PRO C 182 16.94 -9.30 -16.78
N ALA C 183 16.55 -8.43 -17.71
CA ALA C 183 16.98 -7.06 -17.72
C ALA C 183 16.45 -6.36 -16.48
N VAL C 184 17.23 -5.43 -15.95
CA VAL C 184 16.77 -4.62 -14.82
C VAL C 184 16.79 -3.14 -15.19
N LEU C 185 15.71 -2.45 -14.86
CA LEU C 185 15.62 -1.02 -15.11
C LEU C 185 16.49 -0.26 -14.13
N GLN C 186 17.48 0.46 -14.66
CA GLN C 186 18.31 1.31 -13.83
C GLN C 186 17.65 2.67 -13.66
N SER C 187 18.05 3.42 -12.63
CA SER C 187 17.42 4.70 -12.33
C SER C 187 17.61 5.71 -13.47
N SER C 188 18.62 5.47 -14.32
CA SER C 188 18.85 6.32 -15.49
C SER C 188 17.73 6.17 -16.51
N GLY C 189 16.87 5.18 -16.31
CA GLY C 189 15.79 4.90 -17.25
C GLY C 189 16.24 3.87 -18.26
N LEU C 190 17.51 3.50 -18.18
CA LEU C 190 18.13 2.58 -19.11
C LEU C 190 18.13 1.17 -18.54
N TYR C 191 18.30 0.18 -19.41
CA TYR C 191 18.29 -1.20 -18.96
C TYR C 191 19.69 -1.79 -18.93
N SER C 192 19.87 -2.78 -18.05
CA SER C 192 21.11 -3.52 -18.01
C SER C 192 20.84 -4.99 -17.73
N LEU C 193 21.62 -5.85 -18.35
CA LEU C 193 21.58 -7.27 -18.02
C LEU C 193 22.94 -7.89 -18.20
N SER C 194 23.11 -9.08 -17.63
CA SER C 194 24.32 -9.83 -17.83
C SER C 194 23.96 -11.17 -18.45
N SER C 195 24.89 -11.71 -19.22
CA SER C 195 24.72 -13.03 -19.75
C SER C 195 26.02 -13.80 -19.49
N VAL C 196 25.89 -14.98 -18.89
CA VAL C 196 27.06 -15.74 -18.44
C VAL C 196 27.03 -17.15 -19.02
N VAL C 197 28.19 -17.80 -19.03
CA VAL C 197 28.28 -19.19 -19.46
C VAL C 197 29.37 -19.89 -18.66
N THR C 198 29.16 -21.18 -18.38
CA THR C 198 30.17 -21.95 -17.67
C THR C 198 30.84 -22.95 -18.61
N VAL C 199 32.17 -22.95 -18.58
CA VAL C 199 32.96 -23.76 -19.51
C VAL C 199 34.05 -24.50 -18.75
N PRO C 200 34.56 -25.60 -19.33
CA PRO C 200 35.67 -26.33 -18.68
C PRO C 200 36.93 -25.49 -18.56
N SER C 201 37.61 -25.60 -17.42
CA SER C 201 38.85 -24.85 -17.16
C SER C 201 39.89 -25.11 -18.24
N SER C 202 39.90 -26.34 -18.75
CA SER C 202 40.79 -26.72 -19.85
C SER C 202 40.50 -25.90 -21.10
N THR C 208 37.89 -20.82 -27.56
CA THR C 208 37.78 -19.36 -27.48
C THR C 208 36.33 -18.90 -27.61
N TYR C 209 35.95 -17.91 -26.79
CA TYR C 209 34.54 -17.53 -26.69
C TYR C 209 34.26 -16.08 -27.10
N VAL C 210 33.20 -15.91 -27.87
CA VAL C 210 32.79 -14.58 -28.33
C VAL C 210 31.32 -14.32 -28.04
N CYS C 211 31.08 -13.38 -27.14
CA CYS C 211 29.74 -12.90 -26.82
C CYS C 211 29.24 -12.00 -27.95
N ASN C 212 28.15 -12.38 -28.61
CA ASN C 212 27.60 -11.51 -29.64
C ASN C 212 26.25 -10.95 -29.22
N VAL C 213 26.16 -9.63 -29.24
CA VAL C 213 24.98 -8.93 -28.77
C VAL C 213 24.35 -8.19 -29.93
N ASN C 214 23.03 -8.21 -30.00
CA ASN C 214 22.32 -7.51 -31.05
C ASN C 214 21.22 -6.65 -30.43
N HIS C 215 21.11 -5.42 -30.90
CA HIS C 215 20.05 -4.53 -30.45
C HIS C 215 19.40 -3.89 -31.67
N LYS C 216 18.40 -4.59 -32.20
CA LYS C 216 17.70 -4.15 -33.41
C LYS C 216 17.11 -2.72 -33.36
N PRO C 217 16.47 -2.32 -32.23
CA PRO C 217 15.91 -0.97 -32.24
C PRO C 217 16.94 0.15 -32.41
N SER C 218 18.23 -0.17 -32.37
CA SER C 218 19.28 0.80 -32.59
C SER C 218 20.26 0.31 -33.64
N ASN C 219 19.96 -0.87 -34.20
CA ASN C 219 20.80 -1.50 -35.23
C ASN C 219 22.28 -1.57 -34.85
N THR C 220 22.54 -2.01 -33.62
CA THR C 220 23.90 -2.22 -33.16
C THR C 220 24.21 -3.72 -33.11
N LYS C 221 25.34 -4.10 -33.68
CA LYS C 221 25.75 -5.49 -33.73
C LYS C 221 27.16 -5.62 -33.15
N VAL C 222 27.24 -6.02 -31.89
CA VAL C 222 28.53 -6.09 -31.21
C VAL C 222 28.95 -7.54 -30.96
N ASP C 223 30.22 -7.83 -31.25
CA ASP C 223 30.83 -9.11 -30.91
C ASP C 223 32.02 -8.87 -30.00
N LYS C 224 31.95 -9.36 -28.77
CA LYS C 224 33.05 -9.17 -27.83
C LYS C 224 33.80 -10.46 -27.55
N ARG C 225 35.11 -10.40 -27.68
CA ARG C 225 35.98 -11.52 -27.29
C ARG C 225 36.25 -11.46 -25.80
N VAL C 226 35.51 -12.23 -25.02
CA VAL C 226 35.78 -12.29 -23.59
C VAL C 226 36.90 -13.29 -23.34
N GLU C 227 38.07 -12.78 -22.99
CA GLU C 227 39.24 -13.62 -22.79
C GLU C 227 39.90 -13.28 -21.46
N ILE C 228 40.82 -14.14 -21.03
CA ILE C 228 41.49 -13.99 -19.74
C ILE C 228 42.22 -12.65 -19.63
N ASP D 1 -15.08 -2.70 -5.34
CA ASP D 1 -14.53 -3.83 -6.08
C ASP D 1 -14.41 -5.05 -5.20
N ILE D 2 -14.83 -6.19 -5.71
CA ILE D 2 -14.67 -7.41 -4.96
C ILE D 2 -13.19 -7.80 -4.96
N GLN D 3 -12.66 -8.02 -3.77
CA GLN D 3 -11.26 -8.38 -3.63
C GLN D 3 -11.08 -9.89 -3.64
N VAL D 4 -10.10 -10.33 -4.41
CA VAL D 4 -9.84 -11.74 -4.62
C VAL D 4 -8.44 -12.10 -4.14
N THR D 5 -8.35 -12.93 -3.10
CA THR D 5 -7.07 -13.24 -2.47
C THR D 5 -6.70 -14.72 -2.63
N GLN D 6 -5.50 -14.99 -3.17
CA GLN D 6 -5.01 -16.36 -3.33
C GLN D 6 -3.97 -16.73 -2.29
N SER D 7 -3.90 -18.02 -2.03
CA SER D 7 -2.97 -18.61 -1.07
C SER D 7 -2.64 -20.02 -1.54
N PRO D 8 -1.37 -20.42 -1.43
CA PRO D 8 -0.22 -19.63 -0.99
C PRO D 8 0.30 -18.78 -2.14
N SER D 9 1.29 -17.93 -1.89
CA SER D 9 1.84 -17.14 -2.99
C SER D 9 2.70 -18.02 -3.92
N SER D 10 3.32 -19.02 -3.34
CA SER D 10 4.05 -20.00 -4.13
C SER D 10 4.14 -21.30 -3.37
N LEU D 11 4.35 -22.39 -4.09
CA LEU D 11 4.64 -23.65 -3.45
C LEU D 11 5.51 -24.49 -4.37
N SER D 12 6.19 -25.46 -3.78
CA SER D 12 7.08 -26.33 -4.51
C SER D 12 6.49 -27.73 -4.41
N ALA D 13 6.55 -28.47 -5.50
CA ALA D 13 6.09 -29.86 -5.47
C ALA D 13 6.81 -30.73 -6.48
N SER D 14 6.73 -32.04 -6.30
CA SER D 14 7.40 -32.97 -7.21
C SER D 14 6.42 -33.48 -8.26
N VAL D 15 6.94 -33.91 -9.39
CA VAL D 15 6.12 -34.60 -10.38
C VAL D 15 5.47 -35.82 -9.73
N GLY D 16 4.16 -35.96 -9.91
CA GLY D 16 3.41 -37.06 -9.30
C GLY D 16 2.65 -36.65 -8.05
N ASP D 17 3.03 -35.52 -7.46
CA ASP D 17 2.37 -34.98 -6.28
C ASP D 17 0.98 -34.43 -6.59
N THR D 18 0.12 -34.41 -5.59
CA THR D 18 -1.16 -33.73 -5.70
C THR D 18 -1.11 -32.47 -4.84
N VAL D 19 -1.55 -31.35 -5.40
N VAL D 19 -1.60 -31.36 -5.40
CA VAL D 19 -1.55 -30.11 -4.65
CA VAL D 19 -1.51 -30.06 -4.76
C VAL D 19 -2.88 -29.40 -4.77
C VAL D 19 -2.84 -29.30 -4.83
N THR D 20 -3.21 -28.61 -3.75
CA THR D 20 -4.42 -27.81 -3.73
C THR D 20 -4.08 -26.36 -3.40
N ILE D 21 -4.58 -25.42 -4.21
CA ILE D 21 -4.38 -24.00 -3.91
C ILE D 21 -5.75 -23.35 -3.70
N SER D 22 -5.77 -22.22 -3.01
CA SER D 22 -7.05 -21.67 -2.61
C SER D 22 -7.25 -20.21 -2.99
N CYS D 23 -8.51 -19.81 -2.99
CA CYS D 23 -8.92 -18.48 -3.39
C CYS D 23 -10.02 -18.01 -2.44
N ARG D 24 -9.89 -16.80 -1.89
CA ARG D 24 -10.92 -16.21 -1.02
C ARG D 24 -11.44 -14.91 -1.61
N THR D 25 -12.74 -14.67 -1.53
CA THR D 25 -13.33 -13.43 -2.01
C THR D 25 -13.92 -12.60 -0.86
N SER D 26 -13.93 -11.28 -1.03
CA SER D 26 -14.35 -10.37 0.03
C SER D 26 -15.86 -10.38 0.26
N GLN D 27 -16.62 -10.93 -0.70
CA GLN D 27 -18.05 -11.13 -0.51
C GLN D 27 -18.49 -12.31 -1.38
N SER D 28 -19.70 -12.79 -1.16
CA SER D 28 -20.17 -13.99 -1.85
C SER D 28 -20.22 -13.76 -3.35
N ILE D 29 -19.77 -14.75 -4.13
CA ILE D 29 -19.77 -14.63 -5.58
C ILE D 29 -20.48 -15.84 -6.20
N SER D 30 -21.30 -16.50 -5.39
CA SER D 30 -21.97 -17.73 -5.79
C SER D 30 -20.95 -18.74 -6.33
N THR D 31 -21.14 -19.20 -7.57
CA THR D 31 -20.16 -20.09 -8.16
C THR D 31 -19.39 -19.43 -9.31
N TRP D 32 -19.42 -18.11 -9.38
CA TRP D 32 -18.88 -17.40 -10.54
C TRP D 32 -17.38 -17.11 -10.39
N LEU D 33 -16.58 -18.19 -10.46
CA LEU D 33 -15.14 -18.10 -10.36
C LEU D 33 -14.49 -18.88 -11.49
N ALA D 34 -13.47 -18.28 -12.09
CA ALA D 34 -12.67 -18.92 -13.12
C ALA D 34 -11.24 -19.08 -12.65
N TRP D 35 -10.58 -20.13 -13.15
CA TRP D 35 -9.16 -20.35 -12.91
C TRP D 35 -8.41 -20.33 -14.23
N TYR D 36 -7.24 -19.69 -14.24
CA TYR D 36 -6.38 -19.59 -15.42
C TYR D 36 -4.98 -20.12 -15.11
N GLN D 37 -4.35 -20.67 -16.14
CA GLN D 37 -2.94 -21.07 -16.06
C GLN D 37 -2.12 -20.16 -16.94
N VAL D 38 -1.00 -19.65 -16.41
CA VAL D 38 -0.14 -18.73 -17.15
C VAL D 38 1.31 -19.16 -17.10
N LYS D 39 1.91 -19.33 -18.27
CA LYS D 39 3.34 -19.59 -18.35
C LYS D 39 4.04 -18.37 -18.96
N PRO D 40 5.25 -18.05 -18.44
CA PRO D 40 5.94 -16.83 -18.87
C PRO D 40 6.06 -16.75 -20.38
N GLY D 41 5.53 -15.67 -20.95
CA GLY D 41 5.62 -15.42 -22.37
C GLY D 41 4.46 -15.94 -23.20
N LYS D 42 3.57 -16.73 -22.60
CA LYS D 42 2.50 -17.39 -23.36
C LYS D 42 1.10 -16.84 -23.02
N ALA D 43 0.14 -17.08 -23.91
CA ALA D 43 -1.25 -16.73 -23.64
C ALA D 43 -1.77 -17.45 -22.41
N PRO D 44 -2.43 -16.70 -21.49
CA PRO D 44 -3.19 -17.35 -20.43
C PRO D 44 -4.20 -18.33 -20.98
N LYS D 45 -4.42 -19.40 -20.25
CA LYS D 45 -5.38 -20.43 -20.62
C LYS D 45 -6.44 -20.60 -19.56
N LEU D 46 -7.71 -20.60 -19.97
CA LEU D 46 -8.80 -20.92 -19.07
C LEU D 46 -8.74 -22.41 -18.68
N LEU D 47 -8.75 -22.71 -17.39
CA LEU D 47 -8.83 -24.09 -16.90
C LEU D 47 -10.24 -24.42 -16.50
N ILE D 48 -10.82 -23.56 -15.67
CA ILE D 48 -12.07 -23.86 -14.99
C ILE D 48 -12.98 -22.64 -14.97
N TYR D 49 -14.28 -22.86 -15.13
CA TYR D 49 -15.25 -21.79 -15.02
C TYR D 49 -16.46 -22.30 -14.20
N THR D 50 -17.30 -21.38 -13.73
CA THR D 50 -18.37 -21.70 -12.78
C THR D 50 -17.84 -22.55 -11.64
N ALA D 51 -16.62 -22.20 -11.20
CA ALA D 51 -15.92 -22.84 -10.08
C ALA D 51 -15.47 -24.31 -10.25
N SER D 52 -16.20 -25.10 -11.03
N SER D 52 -16.21 -25.10 -11.02
CA SER D 52 -15.94 -26.54 -11.08
CA SER D 52 -15.95 -26.55 -11.09
C SER D 52 -16.04 -27.19 -12.48
C SER D 52 -15.91 -27.14 -12.51
N SER D 53 -16.46 -26.42 -13.49
CA SER D 53 -16.52 -26.98 -14.85
C SER D 53 -15.20 -26.80 -15.59
N LEU D 54 -14.69 -27.87 -16.20
CA LEU D 54 -13.43 -27.77 -16.98
C LEU D 54 -13.71 -27.32 -18.38
N ALA D 55 -12.85 -26.45 -18.90
CA ALA D 55 -12.90 -26.10 -20.31
C ALA D 55 -12.46 -27.30 -21.14
N SER D 56 -12.89 -27.33 -22.40
CA SER D 56 -12.47 -28.38 -23.34
C SER D 56 -10.95 -28.30 -23.53
N GLY D 57 -10.30 -29.46 -23.53
CA GLY D 57 -8.85 -29.54 -23.68
C GLY D 57 -8.11 -29.68 -22.36
N VAL D 58 -8.71 -29.21 -21.28
CA VAL D 58 -8.08 -29.25 -19.98
C VAL D 58 -8.02 -30.66 -19.42
N PRO D 59 -6.83 -31.11 -18.99
CA PRO D 59 -6.68 -32.47 -18.44
C PRO D 59 -7.55 -32.71 -17.21
N SER D 60 -8.08 -33.92 -17.08
CA SER D 60 -8.97 -34.23 -15.98
C SER D 60 -8.29 -34.19 -14.63
N ARG D 61 -6.96 -34.11 -14.61
CA ARG D 61 -6.26 -34.05 -13.33
C ARG D 61 -6.45 -32.68 -12.67
N PHE D 62 -6.99 -31.70 -13.39
CA PHE D 62 -7.45 -30.46 -12.74
C PHE D 62 -8.88 -30.57 -12.22
N SER D 63 -9.11 -30.03 -11.03
N SER D 63 -9.10 -30.08 -11.01
CA SER D 63 -10.42 -30.07 -10.36
CA SER D 63 -10.46 -29.99 -10.49
C SER D 63 -10.68 -28.87 -9.43
C SER D 63 -10.59 -28.70 -9.70
N GLY D 64 -11.82 -28.22 -9.61
CA GLY D 64 -12.13 -27.02 -8.85
C GLY D 64 -13.35 -27.24 -7.98
N SER D 65 -13.37 -26.55 -6.84
CA SER D 65 -14.47 -26.70 -5.91
C SER D 65 -14.71 -25.41 -5.12
N GLY D 66 -15.87 -25.35 -4.47
CA GLY D 66 -16.20 -24.26 -3.59
C GLY D 66 -17.35 -23.43 -4.11
N SER D 67 -17.92 -22.62 -3.22
CA SER D 67 -18.96 -21.68 -3.58
C SER D 67 -19.07 -20.65 -2.47
N GLY D 68 -19.67 -19.51 -2.76
CA GLY D 68 -19.77 -18.46 -1.76
C GLY D 68 -18.52 -17.60 -1.77
N THR D 69 -17.64 -17.82 -0.80
CA THR D 69 -16.45 -16.97 -0.67
C THR D 69 -15.11 -17.74 -0.68
N ASP D 70 -15.16 -19.07 -0.67
CA ASP D 70 -13.92 -19.85 -0.60
C ASP D 70 -13.88 -20.98 -1.62
N PHE D 71 -12.77 -21.02 -2.36
CA PHE D 71 -12.62 -21.89 -3.53
C PHE D 71 -11.28 -22.60 -3.56
N THR D 72 -11.21 -23.74 -4.23
CA THR D 72 -9.95 -24.45 -4.38
C THR D 72 -9.73 -24.94 -5.81
N LEU D 73 -8.46 -25.05 -6.19
CA LEU D 73 -8.07 -25.73 -7.43
C LEU D 73 -7.13 -26.86 -7.02
N THR D 74 -7.41 -28.08 -7.47
CA THR D 74 -6.55 -29.21 -7.11
C THR D 74 -5.96 -29.77 -8.38
N ILE D 75 -4.66 -30.04 -8.36
CA ILE D 75 -4.00 -30.71 -9.48
C ILE D 75 -3.50 -32.05 -9.00
N SER D 76 -4.08 -33.13 -9.53
CA SER D 76 -3.71 -34.47 -9.13
C SER D 76 -2.57 -34.96 -10.00
N SER D 77 -1.61 -35.63 -9.37
CA SER D 77 -0.42 -36.13 -10.06
C SER D 77 0.14 -35.10 -11.03
N LEU D 78 0.78 -34.08 -10.47
CA LEU D 78 1.44 -33.05 -11.26
C LEU D 78 2.29 -33.62 -12.36
N GLN D 79 2.19 -33.04 -13.55
CA GLN D 79 3.12 -33.39 -14.63
C GLN D 79 3.98 -32.14 -14.91
N SER D 80 5.07 -32.33 -15.65
CA SER D 80 6.03 -31.25 -15.91
C SER D 80 5.37 -30.00 -16.47
N GLU D 81 4.36 -30.19 -17.31
CA GLU D 81 3.71 -29.06 -17.97
C GLU D 81 2.82 -28.26 -17.03
N ASP D 82 2.59 -28.76 -15.81
CA ASP D 82 1.68 -28.11 -14.87
C ASP D 82 2.36 -27.03 -14.01
N PHE D 83 3.67 -26.98 -14.08
CA PHE D 83 4.41 -25.96 -13.32
C PHE D 83 4.29 -24.61 -14.02
N ALA D 84 3.62 -23.69 -13.34
CA ALA D 84 3.11 -22.46 -13.94
C ALA D 84 2.56 -21.56 -12.83
N THR D 85 2.06 -20.38 -13.21
CA THR D 85 1.31 -19.56 -12.26
C THR D 85 -0.19 -19.70 -12.49
N TYR D 86 -0.95 -19.84 -11.40
CA TYR D 86 -2.40 -20.01 -11.48
C TYR D 86 -3.12 -18.80 -10.89
N TYR D 87 -4.11 -18.30 -11.62
CA TYR D 87 -4.89 -17.15 -11.17
C TYR D 87 -6.36 -17.50 -11.02
N CYS D 88 -7.01 -16.99 -9.98
CA CYS D 88 -8.47 -17.11 -9.94
C CYS D 88 -9.09 -15.75 -10.25
N GLN D 89 -10.36 -15.79 -10.67
CA GLN D 89 -11.05 -14.57 -11.08
C GLN D 89 -12.55 -14.67 -10.77
N GLN D 90 -13.10 -13.67 -10.08
CA GLN D 90 -14.55 -13.64 -9.88
C GLN D 90 -15.23 -12.91 -11.03
N TYR D 91 -16.43 -13.35 -11.37
CA TYR D 91 -17.19 -12.60 -12.38
C TYR D 91 -18.68 -12.51 -12.05
N ILE D 92 -19.03 -12.48 -10.77
CA ILE D 92 -20.41 -12.23 -10.42
C ILE D 92 -20.83 -10.78 -10.74
N SER D 93 -19.88 -9.85 -10.66
CA SER D 93 -20.21 -8.45 -10.95
C SER D 93 -19.05 -7.60 -11.46
N LEU D 94 -19.41 -6.48 -12.07
CA LEU D 94 -18.46 -5.55 -12.64
C LEU D 94 -17.73 -4.75 -11.56
N PRO D 95 -16.39 -4.63 -11.67
CA PRO D 95 -15.55 -5.25 -12.69
C PRO D 95 -15.09 -6.66 -12.31
N PRO D 96 -14.88 -7.54 -13.30
CA PRO D 96 -14.23 -8.81 -12.99
C PRO D 96 -12.84 -8.55 -12.41
N THR D 97 -12.46 -9.29 -11.37
CA THR D 97 -11.19 -9.02 -10.71
C THR D 97 -10.43 -10.31 -10.48
N PHE D 98 -9.11 -10.21 -10.51
CA PHE D 98 -8.24 -11.39 -10.43
C PHE D 98 -7.49 -11.40 -9.10
N GLY D 99 -7.16 -12.60 -8.63
CA GLY D 99 -6.23 -12.76 -7.52
C GLY D 99 -4.82 -12.45 -8.00
N LEU D 100 -3.84 -12.47 -7.11
CA LEU D 100 -2.47 -12.15 -7.50
C LEU D 100 -1.67 -13.36 -7.92
N GLY D 101 -2.28 -14.54 -7.87
CA GLY D 101 -1.61 -15.73 -8.36
C GLY D 101 -0.84 -16.59 -7.38
N THR D 102 -0.77 -17.87 -7.74
CA THR D 102 0.06 -18.84 -7.03
C THR D 102 1.02 -19.45 -8.03
N LYS D 103 2.32 -19.31 -7.77
CA LYS D 103 3.30 -19.91 -8.66
C LYS D 103 3.67 -21.30 -8.17
N VAL D 104 3.49 -22.30 -9.03
CA VAL D 104 3.83 -23.68 -8.67
C VAL D 104 5.17 -24.07 -9.29
N GLU D 105 6.15 -24.34 -8.45
CA GLU D 105 7.51 -24.66 -8.93
C GLU D 105 7.92 -26.10 -8.60
N ILE D 106 8.99 -26.57 -9.24
CA ILE D 106 9.41 -27.96 -9.06
C ILE D 106 10.41 -28.11 -7.91
N LYS D 107 10.09 -29.04 -7.02
CA LYS D 107 10.95 -29.41 -5.91
C LYS D 107 12.09 -30.31 -6.40
N ARG D 108 13.29 -30.07 -5.88
CA ARG D 108 14.43 -30.93 -6.15
C ARG D 108 15.37 -30.94 -4.95
N ALA D 109 16.46 -31.71 -5.06
CA ALA D 109 17.46 -31.76 -3.98
C ALA D 109 18.10 -30.40 -3.76
N VAL D 110 18.49 -30.13 -2.51
CA VAL D 110 19.23 -28.92 -2.24
C VAL D 110 20.55 -28.93 -3.03
N ALA D 111 20.91 -27.79 -3.59
CA ALA D 111 22.16 -27.63 -4.33
C ALA D 111 22.79 -26.29 -3.99
N ALA D 112 24.02 -26.32 -3.52
CA ALA D 112 24.73 -25.08 -3.19
C ALA D 112 25.10 -24.31 -4.47
N PRO D 113 25.12 -22.96 -4.40
CA PRO D 113 25.57 -22.17 -5.54
C PRO D 113 27.07 -22.30 -5.78
N SER D 114 27.45 -22.31 -7.05
CA SER D 114 28.84 -22.05 -7.41
C SER D 114 28.97 -20.55 -7.57
N VAL D 115 29.96 -19.95 -6.91
CA VAL D 115 30.05 -18.49 -6.84
C VAL D 115 31.25 -17.96 -7.62
N PHE D 116 31.01 -16.94 -8.43
CA PHE D 116 32.07 -16.27 -9.20
C PHE D 116 31.93 -14.77 -9.04
N ILE D 117 33.07 -14.05 -8.98
CA ILE D 117 33.07 -12.58 -8.98
C ILE D 117 33.88 -12.06 -10.17
N PHE D 118 33.36 -11.02 -10.82
CA PHE D 118 33.95 -10.45 -12.03
C PHE D 118 34.33 -8.99 -11.85
N PRO D 119 35.63 -8.71 -11.88
CA PRO D 119 36.05 -7.30 -11.85
C PRO D 119 35.70 -6.57 -13.14
N PRO D 120 35.51 -5.25 -13.08
CA PRO D 120 35.23 -4.50 -14.30
C PRO D 120 36.40 -4.49 -15.28
N SER D 121 36.10 -4.55 -16.57
CA SER D 121 37.11 -4.45 -17.61
C SER D 121 37.70 -3.05 -17.68
N GLU D 122 38.84 -2.94 -18.35
CA GLU D 122 39.51 -1.65 -18.52
C GLU D 122 38.63 -0.64 -19.25
N ASP D 123 37.88 -1.12 -20.24
CA ASP D 123 36.97 -0.27 -21.00
C ASP D 123 35.89 0.34 -20.12
N GLN D 124 35.34 -0.45 -19.21
CA GLN D 124 34.27 0.07 -18.37
C GLN D 124 34.78 1.14 -17.40
N VAL D 125 35.91 0.87 -16.75
CA VAL D 125 36.49 1.83 -15.82
C VAL D 125 36.72 3.19 -16.47
N LYS D 126 37.09 3.22 -17.74
CA LYS D 126 37.33 4.48 -18.44
C LYS D 126 36.02 5.23 -18.70
N SER D 127 34.90 4.50 -18.70
CA SER D 127 33.60 5.07 -19.06
C SER D 127 33.03 6.01 -17.99
N GLY D 128 33.39 5.78 -16.73
CA GLY D 128 32.99 6.71 -15.68
C GLY D 128 32.15 6.06 -14.59
N THR D 129 31.49 4.97 -14.96
CA THR D 129 30.71 4.17 -14.03
C THR D 129 31.10 2.72 -14.21
N VAL D 130 31.30 2.00 -13.11
CA VAL D 130 31.70 0.60 -13.19
C VAL D 130 30.70 -0.31 -12.49
N SER D 131 30.63 -1.54 -12.97
CA SER D 131 29.76 -2.56 -12.41
C SER D 131 30.61 -3.73 -11.96
N VAL D 132 30.41 -4.18 -10.73
CA VAL D 132 31.07 -5.38 -10.27
C VAL D 132 30.03 -6.49 -10.18
N VAL D 133 30.27 -7.62 -10.83
CA VAL D 133 29.23 -8.65 -10.92
C VAL D 133 29.58 -9.90 -10.12
N CYS D 134 28.64 -10.33 -9.28
CA CYS D 134 28.74 -11.59 -8.55
C CYS D 134 27.71 -12.57 -9.09
N LEU D 135 28.17 -13.76 -9.48
CA LEU D 135 27.29 -14.80 -10.04
C LEU D 135 27.13 -15.95 -9.07
N LEU D 136 25.88 -16.33 -8.81
CA LEU D 136 25.59 -17.54 -8.04
C LEU D 136 24.99 -18.51 -9.03
N ASN D 137 25.70 -19.58 -9.34
CA ASN D 137 25.27 -20.47 -10.40
C ASN D 137 24.64 -21.80 -9.95
N ASN D 138 23.50 -22.12 -10.56
CA ASN D 138 22.85 -23.44 -10.48
C ASN D 138 22.57 -23.93 -9.06
N PHE D 139 21.70 -23.24 -8.35
CA PHE D 139 21.45 -23.58 -6.96
C PHE D 139 19.95 -23.84 -6.73
N TYR D 140 19.66 -24.47 -5.59
CA TYR D 140 18.30 -24.74 -5.18
C TYR D 140 18.27 -24.98 -3.67
N PRO D 141 17.27 -24.41 -2.97
CA PRO D 141 16.15 -23.59 -3.44
C PRO D 141 16.56 -22.15 -3.76
N ARG D 142 15.55 -21.38 -4.17
CA ARG D 142 15.75 -20.04 -4.70
C ARG D 142 16.32 -19.06 -3.67
N GLU D 143 15.96 -19.25 -2.40
CA GLU D 143 16.35 -18.33 -1.34
C GLU D 143 17.87 -18.25 -1.16
N ALA D 144 18.44 -17.08 -1.38
CA ALA D 144 19.86 -16.84 -1.15
C ALA D 144 20.09 -15.41 -0.72
N SER D 145 21.18 -15.18 -0.01
CA SER D 145 21.58 -13.82 0.35
C SER D 145 22.95 -13.50 -0.21
N VAL D 146 23.11 -12.30 -0.75
CA VAL D 146 24.42 -11.85 -1.19
C VAL D 146 24.73 -10.54 -0.49
N LYS D 147 25.92 -10.45 0.10
CA LYS D 147 26.36 -9.23 0.75
C LYS D 147 27.64 -8.76 0.05
N TRP D 148 27.74 -7.45 -0.13
CA TRP D 148 28.93 -6.85 -0.73
C TRP D 148 29.79 -6.19 0.33
N LYS D 149 31.07 -6.52 0.34
CA LYS D 149 32.01 -5.83 1.22
C LYS D 149 33.14 -5.23 0.39
N VAL D 150 33.47 -3.96 0.64
CA VAL D 150 34.59 -3.37 -0.07
C VAL D 150 35.57 -2.89 0.99
N ASP D 151 36.82 -3.36 0.88
CA ASP D 151 37.82 -3.20 1.94
C ASP D 151 37.23 -3.50 3.32
N GLY D 152 36.43 -4.58 3.37
CA GLY D 152 35.86 -5.03 4.63
C GLY D 152 34.63 -4.28 5.12
N VAL D 153 34.17 -3.30 4.33
CA VAL D 153 33.02 -2.49 4.73
C VAL D 153 31.78 -2.94 3.97
N LEU D 154 30.70 -3.22 4.69
CA LEU D 154 29.45 -3.62 4.05
C LEU D 154 28.86 -2.47 3.24
N LYS D 155 28.57 -2.73 1.97
CA LYS D 155 27.97 -1.75 1.09
C LYS D 155 26.52 -2.10 0.82
N THR D 156 25.60 -1.30 1.32
CA THR D 156 24.17 -1.57 1.19
C THR D 156 23.49 -0.53 0.30
N GLY D 157 22.63 -1.01 -0.58
CA GLY D 157 21.83 -0.12 -1.41
C GLY D 157 22.49 0.32 -2.70
N ASN D 158 23.60 -0.31 -3.05
CA ASN D 158 24.31 -0.01 -4.28
C ASN D 158 24.29 -1.20 -5.25
N SER D 159 23.44 -2.19 -4.97
CA SER D 159 23.46 -3.42 -5.75
C SER D 159 22.07 -3.80 -6.23
N GLN D 160 22.02 -4.53 -7.35
CA GLN D 160 20.75 -5.01 -7.88
C GLN D 160 20.92 -6.46 -8.23
N GLU D 161 19.84 -7.24 -7.99
CA GLU D 161 19.86 -8.68 -8.19
C GLU D 161 18.91 -9.06 -9.31
N SER D 162 19.28 -10.08 -10.06
CA SER D 162 18.39 -10.64 -11.08
C SER D 162 18.51 -12.15 -11.05
N VAL D 163 17.39 -12.85 -11.20
CA VAL D 163 17.40 -14.29 -11.03
C VAL D 163 16.69 -14.93 -12.22
N THR D 164 17.20 -16.09 -12.64
CA THR D 164 16.60 -16.83 -13.75
C THR D 164 15.36 -17.59 -13.32
N GLU D 165 14.52 -17.92 -14.30
CA GLU D 165 13.45 -18.88 -14.08
C GLU D 165 14.09 -20.23 -13.82
N GLN D 166 13.35 -21.14 -13.19
CA GLN D 166 13.85 -22.48 -12.95
C GLN D 166 14.31 -23.13 -14.25
N ASP D 167 15.51 -23.70 -14.23
CA ASP D 167 16.09 -24.29 -15.43
C ASP D 167 15.33 -25.53 -15.88
N SER D 168 15.05 -25.61 -17.18
CA SER D 168 14.18 -26.64 -17.74
C SER D 168 14.70 -28.06 -17.59
N LYS D 169 16.01 -28.20 -17.36
CA LYS D 169 16.61 -29.53 -17.28
C LYS D 169 17.02 -29.96 -15.87
N ASP D 170 17.66 -29.08 -15.11
CA ASP D 170 18.11 -29.49 -13.78
C ASP D 170 17.32 -28.81 -12.66
N ASN D 171 16.37 -27.96 -13.03
CA ASN D 171 15.44 -27.32 -12.08
C ASN D 171 16.12 -26.42 -11.05
N THR D 172 17.28 -25.87 -11.40
CA THR D 172 18.00 -24.93 -10.54
C THR D 172 17.77 -23.49 -10.95
N TYR D 173 18.22 -22.59 -10.07
CA TYR D 173 18.21 -21.17 -10.30
C TYR D 173 19.63 -20.67 -10.46
N SER D 174 19.79 -19.56 -11.16
CA SER D 174 21.05 -18.79 -11.08
C SER D 174 20.72 -17.36 -10.76
N LEU D 175 21.68 -16.62 -10.22
CA LEU D 175 21.39 -15.27 -9.76
C LEU D 175 22.59 -14.39 -10.02
N SER D 176 22.34 -13.17 -10.44
CA SER D 176 23.44 -12.19 -10.53
C SER D 176 23.19 -11.08 -9.51
N SER D 177 24.27 -10.61 -8.87
CA SER D 177 24.16 -9.40 -8.06
C SER D 177 25.19 -8.45 -8.61
N THR D 178 24.75 -7.24 -8.94
CA THR D 178 25.64 -6.25 -9.55
C THR D 178 25.75 -4.99 -8.71
N LEU D 179 26.99 -4.68 -8.35
CA LEU D 179 27.33 -3.48 -7.59
C LEU D 179 27.76 -2.39 -8.56
N THR D 180 27.11 -1.22 -8.49
CA THR D 180 27.49 -0.13 -9.40
C THR D 180 28.10 1.04 -8.62
N LEU D 181 29.21 1.57 -9.14
CA LEU D 181 29.98 2.64 -8.49
C LEU D 181 30.51 3.58 -9.54
N SER D 182 30.79 4.83 -9.17
CA SER D 182 31.50 5.71 -10.09
C SER D 182 32.93 5.20 -10.25
N ASN D 183 33.59 5.59 -11.34
CA ASN D 183 34.94 5.10 -11.59
C ASN D 183 35.92 5.59 -10.53
N THR D 184 35.68 6.78 -10.01
CA THR D 184 36.59 7.36 -9.03
C THR D 184 36.40 6.67 -7.67
N ASP D 185 35.17 6.29 -7.37
CA ASP D 185 34.88 5.52 -6.16
C ASP D 185 35.53 4.15 -6.23
N TYR D 186 35.42 3.50 -7.38
CA TYR D 186 36.05 2.21 -7.61
C TYR D 186 37.58 2.27 -7.42
N GLN D 187 38.20 3.35 -7.90
CA GLN D 187 39.66 3.40 -7.89
C GLN D 187 40.20 3.81 -6.52
N SER D 188 39.29 4.10 -5.58
CA SER D 188 39.70 4.49 -4.23
C SER D 188 39.62 3.33 -3.22
N HIS D 189 39.22 2.15 -3.69
CA HIS D 189 39.18 0.98 -2.81
C HIS D 189 39.94 -0.17 -3.46
N ASN D 190 40.33 -1.15 -2.66
CA ASN D 190 41.20 -2.20 -3.17
C ASN D 190 40.54 -3.57 -3.28
N VAL D 191 40.05 -4.13 -2.17
CA VAL D 191 39.46 -5.44 -2.23
C VAL D 191 37.93 -5.39 -2.32
N TYR D 192 37.40 -6.10 -3.30
CA TYR D 192 35.96 -6.21 -3.51
C TYR D 192 35.53 -7.63 -3.27
N ALA D 193 34.53 -7.81 -2.41
CA ALA D 193 34.11 -9.18 -2.03
C ALA D 193 32.61 -9.33 -2.06
N CYS D 194 32.13 -10.47 -2.56
CA CYS D 194 30.72 -10.76 -2.37
C CYS D 194 30.63 -12.01 -1.50
N GLU D 195 29.73 -11.96 -0.50
CA GLU D 195 29.58 -13.05 0.44
C GLU D 195 28.19 -13.66 0.31
N VAL D 196 28.14 -14.97 0.07
CA VAL D 196 26.90 -15.65 -0.27
C VAL D 196 26.46 -16.60 0.83
N THR D 197 25.20 -16.51 1.23
N THR D 197 25.18 -16.52 1.20
CA THR D 197 24.64 -17.49 2.15
CA THR D 197 24.58 -17.43 2.16
C THR D 197 23.53 -18.24 1.44
C THR D 197 23.48 -18.22 1.48
N HIS D 198 23.44 -19.53 1.72
CA HIS D 198 22.45 -20.40 1.11
C HIS D 198 22.32 -21.64 1.96
N GLN D 199 21.15 -22.27 1.93
CA GLN D 199 20.87 -23.48 2.69
C GLN D 199 21.87 -24.60 2.42
N GLY D 200 22.39 -24.65 1.20
CA GLY D 200 23.31 -25.69 0.81
C GLY D 200 24.73 -25.49 1.31
N LEU D 201 24.99 -24.33 1.89
CA LEU D 201 26.34 -23.98 2.39
C LEU D 201 26.42 -24.01 3.92
N SER D 202 27.42 -24.70 4.47
CA SER D 202 27.55 -24.80 5.92
C SER D 202 27.97 -23.46 6.51
N SER D 203 28.67 -22.68 5.71
CA SER D 203 29.18 -21.35 6.08
C SER D 203 29.05 -20.43 4.88
N PRO D 204 28.94 -19.11 5.11
CA PRO D 204 28.89 -18.20 3.96
C PRO D 204 30.16 -18.37 3.12
N VAL D 205 30.04 -18.17 1.81
CA VAL D 205 31.16 -18.29 0.91
C VAL D 205 31.49 -16.90 0.39
N THR D 206 32.78 -16.56 0.39
CA THR D 206 33.21 -15.25 -0.05
C THR D 206 34.11 -15.38 -1.28
N LYS D 207 33.82 -14.61 -2.32
CA LYS D 207 34.72 -14.55 -3.47
C LYS D 207 35.18 -13.11 -3.58
N SER D 208 36.45 -12.90 -3.85
CA SER D 208 36.97 -11.54 -3.90
C SER D 208 38.04 -11.35 -4.94
N PHE D 209 38.30 -10.08 -5.28
CA PHE D 209 39.47 -9.72 -6.07
C PHE D 209 40.04 -8.42 -5.54
N ASN D 210 41.31 -8.20 -5.82
CA ASN D 210 41.95 -6.92 -5.55
C ASN D 210 41.96 -6.06 -6.81
N ARG D 211 41.52 -4.80 -6.72
CA ARG D 211 41.41 -3.96 -7.91
C ARG D 211 42.75 -3.84 -8.64
N GLY D 212 42.71 -3.88 -9.97
CA GLY D 212 43.90 -3.74 -10.79
C GLY D 212 44.72 -5.01 -10.84
N GLU D 213 45.09 -5.50 -9.66
CA GLU D 213 45.82 -6.74 -9.53
C GLU D 213 44.98 -7.94 -9.96
#